data_9BAS
#
_entry.id   9BAS
#
_cell.length_a   71.866
_cell.length_b   110.007
_cell.length_c   71.791
_cell.angle_alpha   90.00
_cell.angle_beta   106.25
_cell.angle_gamma   90.00
#
_symmetry.space_group_name_H-M   'P 1 21 1'
#
loop_
_entity.id
_entity.type
_entity.pdbx_description
1 polymer 'S1_15A sulfatase'
2 non-polymer 'CALCIUM ION'
3 non-polymer 6-O-sulfo-beta-D-galactopyranose
4 water water
#
_entity_poly.entity_id   1
_entity_poly.type   'polypeptide(L)'
_entity_poly.pdbx_seq_one_letter_code
;MGSSHHHHHHSSGLVPRGSHMASKLTSDDKKQTEQVNTTALNNQKPNIVIFYVDDLGYGDLSSYGMEQAQTPNIDALAAE
GIRFTDAHSSAATSTPSRYSLLTGQYAFRNNAAILPGDAPLIIDHTKPTLPKMLQKAGYKTGVVGKWHLGLGDGFVDWNK
AVKPGPIELGFDYSFLIPATADRVPTVFLENHHVVNLDPNDPITVSYEKRIGNRPVGTEHPELLKMSADLQHSNTIVDGV
SRIGWMAGGKSAEWKDEEFPHIFTKKAIDFISDNKDESFMLFFPFSDIHVPRVPNKMFAGKSGMGPRGDAILQMDWMSGQ
IIDELKKQGLYDNTLIIFSSDNGPVMDDGYADQAEELRGDHDPAAGYRGGKYSAYEAGTRVPMIITYPKGIKNNGDSNAL
VSQIDIYKSLAELAGVKLDNSEAIDSKNMLPAFLDAKESGRTDMLEESFTLAIRSGKWKYIAPFNGTTPDWLANKTAIEN
GLKTEPQLFDLSKDRNEQHNVADKYPKLVFSLQAKINKIKARK
;
_entity_poly.pdbx_strand_id   B,A
#
loop_
_chem_comp.id
_chem_comp.type
_chem_comp.name
_chem_comp.formula
CA non-polymer 'CALCIUM ION' 'Ca 2'
G6S D-saccharide, beta linking 6-O-sulfo-beta-D-galactopyranose 'C6 H12 O9 S'
#
# COMPACT_ATOMS: atom_id res chain seq x y z
N LYS A 45 5.06 -7.72 27.28
CA LYS A 45 6.07 -6.82 26.73
C LYS A 45 6.09 -6.91 25.21
N PRO A 46 5.72 -5.81 24.53
CA PRO A 46 5.62 -5.81 23.07
C PRO A 46 6.95 -6.08 22.36
N ASN A 47 6.86 -6.53 21.11
CA ASN A 47 8.01 -6.49 20.22
C ASN A 47 8.23 -5.08 19.77
N ILE A 48 9.46 -4.79 19.36
CA ILE A 48 9.79 -3.45 18.90
C ILE A 48 10.40 -3.53 17.50
N VAL A 49 9.89 -2.72 16.60
CA VAL A 49 10.50 -2.61 15.28
C VAL A 49 10.74 -1.13 14.95
N ILE A 50 11.99 -0.78 14.64
CA ILE A 50 12.31 0.58 14.26
C ILE A 50 12.68 0.69 12.77
N PHE A 51 11.73 1.16 11.97
CA PHE A 51 11.99 1.41 10.54
C PHE A 51 12.71 2.75 10.44
N TYR A 52 13.91 2.72 9.89
CA TYR A 52 14.77 3.89 9.88
C TYR A 52 15.29 4.19 8.48
N VAL A 53 14.65 5.17 7.86
CA VAL A 53 14.87 5.52 6.46
C VAL A 53 16.03 6.51 6.30
N ASP A 54 16.81 6.30 5.25
CA ASP A 54 17.95 7.14 4.97
C ASP A 54 17.51 8.36 4.14
N ASP A 55 17.70 9.54 4.72
CA ASP A 55 17.44 10.83 4.07
C ASP A 55 15.98 11.07 3.73
N LEU A 56 15.05 10.53 4.51
CA LEU A 56 13.66 10.76 4.21
C LEU A 56 13.23 12.14 4.69
N GLY A 57 12.71 12.97 3.79
CA GLY A 57 12.34 14.31 4.17
C GLY A 57 10.91 14.38 4.64
N TYR A 58 10.58 15.52 5.24
CA TYR A 58 9.31 15.71 5.89
C TYR A 58 8.19 15.48 4.92
N GLY A 59 8.37 15.97 3.69
CA GLY A 59 7.33 15.88 2.68
C GLY A 59 7.44 14.72 1.71
N ASP A 60 8.27 13.73 2.04
CA ASP A 60 8.57 12.61 1.15
C ASP A 60 7.63 11.42 1.34
N LEU A 61 6.51 11.65 2.03
CA LEU A 61 5.45 10.65 2.17
C LEU A 61 4.15 11.26 1.68
N SER A 62 3.28 10.45 1.09
CA SER A 62 2.00 10.97 0.64
C SER A 62 1.14 11.33 1.85
N SER A 63 1.38 10.65 2.98
CA SER A 63 0.71 11.03 4.23
C SER A 63 1.27 12.31 4.86
N TYR A 64 2.37 12.81 4.31
CA TYR A 64 2.95 14.09 4.71
C TYR A 64 2.98 15.10 3.53
N GLY A 65 2.18 14.82 2.51
CA GLY A 65 1.92 15.78 1.47
C GLY A 65 2.24 15.37 0.05
N MET A 66 3.05 14.33 -0.12
CA MET A 66 3.51 13.96 -1.45
C MET A 66 2.38 13.57 -2.41
N GLU A 67 2.37 14.20 -3.57
CA GLU A 67 1.33 13.96 -4.57
C GLU A 67 1.85 13.23 -5.80
N GLN A 68 3.13 13.40 -6.12
CA GLN A 68 3.68 12.82 -7.35
C GLN A 68 3.95 11.34 -7.24
N ALA A 69 3.89 10.80 -6.04
CA ALA A 69 3.93 9.36 -5.84
C ALA A 69 3.35 9.05 -4.48
N GLN A 70 2.95 7.80 -4.28
CA GLN A 70 2.33 7.43 -3.04
C GLN A 70 3.18 6.41 -2.29
N THR A 71 3.02 6.42 -0.98
CA THR A 71 3.67 5.47 -0.09
C THR A 71 2.63 4.70 0.74
N PRO A 72 1.79 3.88 0.08
CA PRO A 72 0.62 3.26 0.72
C PRO A 72 0.87 2.50 2.04
N ASN A 73 1.97 1.76 2.13
CA ASN A 73 2.23 0.99 3.32
C ASN A 73 2.51 1.86 4.55
N ILE A 74 3.35 2.87 4.37
CA ILE A 74 3.66 3.81 5.45
C ILE A 74 2.45 4.66 5.79
N ASP A 75 1.69 5.05 4.77
CA ASP A 75 0.47 5.84 4.91
C ASP A 75 -0.54 5.08 5.80
N ALA A 76 -0.55 3.76 5.69
CA ALA A 76 -1.41 2.90 6.48
C ALA A 76 -1.06 2.96 7.97
N LEU A 77 0.23 2.98 8.28
CA LEU A 77 0.67 3.14 9.66
C LEU A 77 0.14 4.46 10.24
N ALA A 78 0.28 5.56 9.51
CA ALA A 78 -0.14 6.86 10.00
C ALA A 78 -1.64 6.90 10.25
N ALA A 79 -2.41 6.22 9.40
CA ALA A 79 -3.87 6.21 9.51
C ALA A 79 -4.31 5.48 10.77
N GLU A 80 -3.60 4.39 11.08
CA GLU A 80 -3.93 3.58 12.23
C GLU A 80 -3.42 4.21 13.52
N GLY A 81 -2.21 4.79 13.45
CA GLY A 81 -1.48 5.20 14.65
C GLY A 81 -1.29 6.69 14.88
N ILE A 82 -0.11 7.08 15.33
CA ILE A 82 0.16 8.48 15.61
C ILE A 82 1.14 9.05 14.59
N ARG A 83 0.74 10.16 13.99
CA ARG A 83 1.56 10.84 12.96
C ARG A 83 2.14 12.08 13.58
N PHE A 84 3.46 12.10 13.74
CA PHE A 84 4.14 13.20 14.40
C PHE A 84 4.54 14.27 13.40
N THR A 85 4.19 15.51 13.73
CA THR A 85 4.40 16.65 12.86
C THR A 85 5.47 17.63 13.39
N ASP A 86 6.06 17.31 14.54
CA ASP A 86 7.18 18.10 15.11
C ASP A 86 8.20 17.17 15.77
N ALA A 87 8.53 16.10 15.06
CA ALA A 87 9.43 15.08 15.55
C ALA A 87 10.73 15.27 14.85
N HIS A 88 11.84 15.01 15.54
CA HIS A 88 13.15 15.31 14.99
C HIS A 88 14.20 14.25 15.16
N SER A 89 14.99 14.05 14.10
CA SER A 89 16.27 13.36 14.23
C SER A 89 17.17 14.19 15.13
N SER A 90 18.17 13.57 15.73
CA SER A 90 19.01 14.31 16.63
C SER A 90 19.94 15.24 15.82
N ALA A 91 20.26 14.87 14.58
CA ALA A 91 21.19 15.65 13.75
C ALA A 91 20.70 15.77 12.30
N ALA A 92 21.43 16.54 11.47
CA ALA A 92 21.05 16.70 10.07
C ALA A 92 21.88 15.82 9.13
N THR A 93 22.66 14.90 9.71
CA THR A 93 23.35 13.85 8.95
C THR A 93 23.29 12.53 9.69
N SER A 94 23.84 11.48 9.07
CA SER A 94 23.55 10.10 9.45
C SER A 94 24.24 9.59 10.70
N THR A 95 25.57 9.56 10.67
CA THR A 95 26.35 9.06 11.79
C THR A 95 25.97 9.75 13.11
N PRO A 96 25.82 11.08 13.12
CA PRO A 96 25.43 11.61 14.43
C PRO A 96 24.02 11.26 14.87
N SER A 97 23.05 11.14 13.95
CA SER A 97 21.68 10.82 14.34
C SER A 97 21.57 9.40 14.88
N ARG A 98 22.29 8.48 14.24
CA ARG A 98 22.36 7.08 14.70
C ARG A 98 23.06 6.95 16.05
N TYR A 99 24.12 7.72 16.25
CA TYR A 99 24.82 7.72 17.53
C TYR A 99 23.89 8.13 18.66
N SER A 100 23.12 9.19 18.47
CA SER A 100 22.23 9.62 19.52
C SER A 100 21.12 8.62 19.75
N LEU A 101 20.56 8.12 18.66
CA LEU A 101 19.45 7.19 18.75
C LEU A 101 19.84 5.97 19.58
N LEU A 102 21.08 5.53 19.44
CA LEU A 102 21.51 4.30 20.09
C LEU A 102 22.15 4.51 21.47
N THR A 103 22.61 5.73 21.74
CA THR A 103 23.32 6.01 22.99
C THR A 103 22.55 6.91 23.96
N GLY A 104 21.54 7.61 23.45
CA GLY A 104 20.83 8.57 24.26
C GLY A 104 21.71 9.75 24.63
N GLN A 105 22.73 9.99 23.82
CA GLN A 105 23.68 11.08 24.06
C GLN A 105 23.75 12.03 22.87
N TYR A 106 23.91 13.33 23.14
CA TYR A 106 24.14 14.28 22.05
C TYR A 106 25.42 13.93 21.29
N ALA A 107 25.35 13.97 19.96
CA ALA A 107 26.44 13.51 19.11
C ALA A 107 27.72 14.33 19.30
N PHE A 108 27.57 15.58 19.67
CA PHE A 108 28.73 16.44 19.76
C PHE A 108 29.53 16.03 20.98
N ARG A 109 28.87 15.35 21.92
CA ARG A 109 29.54 14.92 23.15
C ARG A 109 30.66 13.94 22.85
N ASN A 110 30.56 13.28 21.70
CA ASN A 110 31.66 12.45 21.21
C ASN A 110 32.04 12.88 19.80
N ASN A 111 31.78 14.15 19.49
CA ASN A 111 32.16 14.74 18.20
C ASN A 111 31.67 13.98 16.99
N ALA A 112 30.61 13.20 17.15
CA ALA A 112 30.12 12.30 16.09
C ALA A 112 29.88 13.03 14.77
N ALA A 113 30.41 12.46 13.71
CA ALA A 113 30.28 13.08 12.41
C ALA A 113 30.25 11.99 11.35
N ILE A 114 29.72 12.30 10.17
CA ILE A 114 29.70 11.38 9.03
C ILE A 114 31.02 10.58 8.92
N LEU A 115 30.93 9.26 8.92
CA LEU A 115 32.11 8.39 8.91
C LEU A 115 32.47 7.79 7.54
N PRO A 116 33.75 7.40 7.37
CA PRO A 116 34.16 6.56 6.25
C PRO A 116 33.91 5.08 6.54
N GLY A 117 33.96 4.23 5.53
CA GLY A 117 33.61 2.82 5.69
C GLY A 117 34.66 2.00 6.42
N ASP A 118 35.82 2.58 6.69
CA ASP A 118 36.87 1.89 7.43
C ASP A 118 37.16 2.50 8.81
N ALA A 119 36.27 3.39 9.25
CA ALA A 119 36.41 4.03 10.54
C ALA A 119 36.15 3.06 11.68
N PRO A 120 36.76 3.34 12.84
CA PRO A 120 36.53 2.56 14.05
C PRO A 120 35.18 2.89 14.72
N LEU A 121 34.67 1.90 15.47
CA LEU A 121 33.38 1.99 16.13
C LEU A 121 33.38 3.18 17.07
N ILE A 122 32.38 4.06 16.90
CA ILE A 122 32.35 5.33 17.64
C ILE A 122 31.55 5.24 18.92
N ILE A 123 30.91 4.10 19.13
CA ILE A 123 30.20 3.85 20.39
C ILE A 123 31.10 3.02 21.27
N ASP A 124 31.30 3.46 22.52
CA ASP A 124 32.13 2.70 23.45
C ASP A 124 31.34 1.48 23.89
N HIS A 125 31.82 0.32 23.51
CA HIS A 125 31.04 -0.88 23.71
C HIS A 125 30.92 -1.30 25.18
N THR A 126 31.74 -0.71 26.04
CA THR A 126 31.74 -1.09 27.46
C THR A 126 30.72 -0.27 28.25
N LYS A 127 29.86 0.44 27.54
CA LYS A 127 28.88 1.32 28.15
C LYS A 127 27.46 0.97 27.68
N PRO A 128 26.43 1.37 28.47
CA PRO A 128 25.07 0.96 28.11
C PRO A 128 24.66 1.50 26.75
N THR A 129 23.94 0.68 25.99
CA THR A 129 23.42 1.11 24.70
C THR A 129 21.94 0.74 24.67
N LEU A 130 21.16 1.44 23.84
CA LEU A 130 19.74 1.14 23.69
C LEU A 130 19.45 -0.38 23.48
N PRO A 131 20.16 -1.07 22.55
CA PRO A 131 19.91 -2.52 22.46
C PRO A 131 20.29 -3.29 23.73
N LYS A 132 21.33 -2.82 24.42
CA LYS A 132 21.79 -3.41 25.69
C LYS A 132 20.78 -3.25 26.81
N MET A 133 20.11 -2.11 26.82
CA MET A 133 19.04 -1.88 27.76
C MET A 133 17.94 -2.91 27.55
N LEU A 134 17.66 -3.24 26.28
CA LEU A 134 16.57 -4.17 25.91
C LEU A 134 16.89 -5.64 26.13
N GLN A 135 18.14 -6.04 25.92
CA GLN A 135 18.51 -7.40 26.24
C GLN A 135 18.36 -7.66 27.73
N LYS A 136 18.68 -6.64 28.51
CA LYS A 136 18.50 -6.64 29.95
C LYS A 136 17.05 -7.00 30.29
N ALA A 137 16.11 -6.41 29.57
CA ALA A 137 14.69 -6.70 29.81
C ALA A 137 14.27 -7.99 29.15
N GLY A 138 15.23 -8.74 28.63
CA GLY A 138 14.96 -10.04 28.07
C GLY A 138 14.69 -10.06 26.58
N TYR A 139 14.85 -8.94 25.90
CA TYR A 139 14.63 -8.90 24.46
C TYR A 139 15.75 -9.59 23.69
N LYS A 140 15.36 -10.25 22.59
CA LYS A 140 16.29 -10.60 21.53
C LYS A 140 16.46 -9.35 20.68
N THR A 141 17.68 -9.02 20.30
CA THR A 141 17.91 -7.81 19.51
C THR A 141 18.56 -8.09 18.15
N GLY A 142 18.13 -7.35 17.13
CA GLY A 142 18.70 -7.50 15.80
C GLY A 142 18.72 -6.20 15.02
N VAL A 143 19.65 -6.10 14.08
CA VAL A 143 19.78 -4.95 13.19
C VAL A 143 20.08 -5.40 11.76
N VAL A 144 19.27 -4.95 10.82
CA VAL A 144 19.45 -5.33 9.43
C VAL A 144 19.39 -4.07 8.58
N GLY A 145 20.53 -3.69 7.99
CA GLY A 145 20.56 -2.52 7.14
C GLY A 145 21.87 -1.77 7.23
N LYS A 146 21.84 -0.47 6.98
CA LYS A 146 23.07 0.32 7.01
C LYS A 146 23.51 0.67 8.44
N TRP A 147 24.81 0.51 8.72
CA TRP A 147 25.40 0.70 10.05
C TRP A 147 25.93 2.14 10.29
N HIS A 148 27.05 2.49 9.67
CA HIS A 148 27.60 3.86 9.71
C HIS A 148 27.90 4.41 11.11
N LEU A 149 28.34 3.53 11.99
CA LEU A 149 28.71 3.90 13.35
C LEU A 149 30.12 3.42 13.64
N GLY A 150 30.72 2.79 12.64
CA GLY A 150 32.11 2.39 12.74
C GLY A 150 32.24 0.92 13.09
N LEU A 151 33.40 0.36 12.78
CA LEU A 151 33.65 -1.04 13.05
C LEU A 151 35.09 -1.22 13.48
N GLY A 152 35.29 -2.00 14.53
CA GLY A 152 36.63 -2.24 15.03
C GLY A 152 37.12 -1.17 15.98
N ASP A 153 38.36 -1.34 16.45
CA ASP A 153 38.94 -0.38 17.38
C ASP A 153 40.25 0.21 16.88
N GLY A 154 40.38 0.34 15.57
CA GLY A 154 41.52 1.04 14.99
C GLY A 154 41.80 0.70 13.54
N PHE A 155 42.05 -0.58 13.28
CA PHE A 155 42.24 -1.06 11.91
C PHE A 155 41.33 -2.24 11.63
N VAL A 156 40.50 -2.10 10.61
CA VAL A 156 39.60 -3.17 10.22
C VAL A 156 40.24 -4.06 9.18
N ASP A 157 40.58 -5.28 9.57
CA ASP A 157 40.95 -6.31 8.62
C ASP A 157 39.67 -6.96 8.14
N TRP A 158 39.30 -6.70 6.89
CA TRP A 158 38.00 -7.13 6.39
C TRP A 158 37.95 -8.64 6.16
N ASN A 159 39.09 -9.30 6.32
CA ASN A 159 39.19 -10.72 6.09
C ASN A 159 39.29 -11.53 7.36
N LYS A 160 39.20 -10.86 8.51
CA LYS A 160 39.23 -11.53 9.80
C LYS A 160 37.99 -11.20 10.61
N ALA A 161 37.99 -11.62 11.88
CA ALA A 161 36.91 -11.24 12.79
C ALA A 161 36.86 -9.73 12.90
N VAL A 162 35.69 -9.16 12.67
CA VAL A 162 35.48 -7.73 12.76
C VAL A 162 34.76 -7.40 14.06
N LYS A 163 35.49 -6.79 15.00
CA LYS A 163 34.94 -6.43 16.30
C LYS A 163 35.83 -5.43 17.03
N PRO A 164 35.23 -4.55 17.85
CA PRO A 164 33.81 -4.48 18.19
C PRO A 164 32.89 -3.99 17.08
N GLY A 165 31.71 -4.58 17.02
CA GLY A 165 30.68 -4.18 16.07
C GLY A 165 29.34 -4.16 16.77
N PRO A 166 28.25 -4.27 15.99
CA PRO A 166 26.92 -4.23 16.61
C PRO A 166 26.73 -5.27 17.70
N ILE A 167 27.34 -6.45 17.57
CA ILE A 167 27.09 -7.54 18.51
C ILE A 167 27.59 -7.18 19.91
N GLU A 168 28.63 -6.35 19.93
CA GLU A 168 29.23 -5.88 21.16
C GLU A 168 28.45 -4.69 21.70
N LEU A 169 27.55 -4.16 20.88
CA LEU A 169 26.69 -3.08 21.31
C LEU A 169 25.32 -3.58 21.82
N GLY A 170 25.17 -4.89 21.93
CA GLY A 170 23.93 -5.44 22.42
C GLY A 170 22.95 -5.94 21.37
N PHE A 171 23.42 -6.12 20.15
CA PHE A 171 22.62 -6.77 19.10
C PHE A 171 22.93 -8.26 18.98
N ASP A 172 21.92 -9.11 19.20
CA ASP A 172 22.06 -10.56 19.05
C ASP A 172 22.39 -10.99 17.62
N TYR A 173 21.88 -10.22 16.66
CA TYR A 173 22.06 -10.51 15.25
C TYR A 173 22.24 -9.24 14.42
N SER A 174 23.17 -9.29 13.47
CA SER A 174 23.36 -8.16 12.56
C SER A 174 23.64 -8.61 11.12
N PHE A 175 23.23 -7.78 10.16
CA PHE A 175 23.50 -8.00 8.75
C PHE A 175 23.58 -6.63 8.09
N LEU A 176 24.79 -6.18 7.80
CA LEU A 176 25.00 -4.76 7.54
C LEU A 176 25.61 -4.40 6.19
N ILE A 177 25.24 -3.22 5.73
CA ILE A 177 26.07 -2.43 4.85
C ILE A 177 26.92 -1.60 5.80
N PRO A 178 28.25 -1.85 5.82
CA PRO A 178 29.26 -1.20 6.67
C PRO A 178 29.04 0.29 6.95
N ALA A 179 29.06 1.09 5.90
CA ALA A 179 28.89 2.52 6.02
C ALA A 179 27.57 2.91 5.36
N THR A 180 27.69 3.37 4.13
CA THR A 180 26.56 3.81 3.32
C THR A 180 26.60 3.07 2.01
N ALA A 181 25.60 3.27 1.17
CA ALA A 181 25.56 2.63 -0.14
C ALA A 181 26.68 3.15 -1.06
N ASP A 182 27.10 4.40 -0.87
CA ASP A 182 28.07 5.03 -1.78
C ASP A 182 29.52 4.99 -1.30
N ARG A 183 29.78 4.23 -0.23
CA ARG A 183 31.12 4.10 0.32
C ARG A 183 31.61 2.66 0.30
N VAL A 184 32.92 2.51 0.15
CA VAL A 184 33.60 1.22 0.28
C VAL A 184 33.89 0.95 1.79
N PRO A 185 33.93 -0.32 2.21
CA PRO A 185 33.84 -1.51 1.40
C PRO A 185 32.44 -1.77 0.96
N THR A 186 32.37 -2.63 -0.02
CA THR A 186 31.17 -2.71 -0.86
C THR A 186 30.60 -4.13 -0.72
N VAL A 187 30.33 -4.52 0.54
CA VAL A 187 30.01 -5.87 0.91
C VAL A 187 29.02 -5.85 2.05
N PHE A 188 28.49 -7.01 2.43
CA PHE A 188 27.69 -7.12 3.65
C PHE A 188 28.49 -7.74 4.77
N LEU A 189 28.23 -7.27 5.98
CA LEU A 189 28.84 -7.87 7.14
C LEU A 189 27.75 -8.56 7.97
N GLU A 190 27.83 -9.88 8.09
CA GLU A 190 26.88 -10.57 8.95
C GLU A 190 27.53 -10.97 10.26
N ASN A 191 26.95 -10.48 11.35
CA ASN A 191 27.56 -10.55 12.67
C ASN A 191 29.01 -10.10 12.59
N HIS A 192 29.95 -11.02 12.72
CA HIS A 192 31.37 -10.68 12.79
C HIS A 192 32.17 -10.95 11.50
N HIS A 193 31.49 -11.33 10.41
CA HIS A 193 32.18 -11.77 9.21
C HIS A 193 31.57 -11.17 7.94
N VAL A 194 32.42 -10.84 6.98
CA VAL A 194 31.99 -10.44 5.64
C VAL A 194 31.36 -11.61 4.92
N VAL A 195 30.18 -11.37 4.35
CA VAL A 195 29.43 -12.44 3.69
C VAL A 195 30.07 -12.79 2.36
N ASN A 196 30.09 -14.08 2.03
CA ASN A 196 30.63 -14.57 0.76
C ASN A 196 32.03 -14.05 0.46
N LEU A 197 32.86 -13.97 1.49
CA LEU A 197 34.26 -13.60 1.32
C LEU A 197 35.09 -14.82 0.97
N ASP A 198 35.93 -14.71 -0.06
CA ASP A 198 36.88 -15.78 -0.41
C ASP A 198 38.30 -15.48 0.08
N PRO A 199 38.84 -16.36 0.94
CA PRO A 199 40.21 -16.31 1.48
C PRO A 199 41.28 -15.91 0.46
N ASN A 200 41.16 -16.39 -0.77
CA ASN A 200 42.19 -16.19 -1.78
C ASN A 200 41.95 -14.96 -2.63
N ASP A 201 40.84 -14.28 -2.38
CA ASP A 201 40.59 -12.98 -2.98
C ASP A 201 40.24 -12.00 -1.84
N PRO A 202 41.22 -11.72 -0.96
CA PRO A 202 40.98 -10.96 0.28
C PRO A 202 40.73 -9.45 0.10
N ILE A 203 39.94 -8.89 0.99
CA ILE A 203 39.54 -7.50 0.88
C ILE A 203 40.52 -6.52 1.53
N THR A 204 40.79 -5.44 0.81
CA THR A 204 41.45 -4.27 1.37
C THR A 204 40.71 -3.00 0.92
N VAL A 205 40.64 -2.00 1.80
CA VAL A 205 39.92 -0.76 1.54
C VAL A 205 40.88 0.43 1.73
N SER A 206 40.79 1.43 0.87
CA SER A 206 41.54 2.67 1.08
C SER A 206 40.68 3.90 0.83
N TYR A 207 40.90 4.93 1.65
CA TYR A 207 40.30 6.23 1.40
C TYR A 207 41.40 7.26 1.13
N GLU A 208 42.63 6.76 1.01
CA GLU A 208 43.80 7.62 0.81
C GLU A 208 44.30 7.59 -0.63
N LYS A 209 44.27 6.42 -1.24
CA LYS A 209 44.82 6.26 -2.56
C LYS A 209 44.23 5.04 -3.27
N ARG A 210 44.31 5.05 -4.59
CA ARG A 210 43.75 3.99 -5.42
C ARG A 210 44.45 2.65 -5.27
N ILE A 211 43.70 1.62 -4.90
CA ILE A 211 44.26 0.28 -4.73
C ILE A 211 43.48 -0.74 -5.57
N GLY A 212 44.05 -1.94 -5.80
CA GLY A 212 43.34 -3.01 -6.49
C GLY A 212 43.16 -2.88 -8.00
N ASN A 213 42.38 -3.80 -8.59
CA ASN A 213 42.26 -3.85 -10.05
C ASN A 213 40.87 -3.50 -10.62
N ARG A 214 40.02 -2.87 -9.81
CA ARG A 214 38.69 -2.46 -10.27
C ARG A 214 38.76 -1.12 -10.98
N PRO A 215 37.96 -0.95 -12.06
CA PRO A 215 37.99 0.35 -12.75
C PRO A 215 37.49 1.47 -11.85
N VAL A 216 37.89 2.70 -12.14
CA VAL A 216 37.41 3.83 -11.39
C VAL A 216 36.62 4.73 -12.33
N GLY A 217 35.58 5.36 -11.80
CA GLY A 217 34.66 6.17 -12.58
C GLY A 217 35.25 7.26 -13.46
N THR A 218 36.31 7.90 -13.02
CA THR A 218 36.91 9.01 -13.76
C THR A 218 37.50 8.52 -15.07
N GLU A 219 38.08 7.33 -15.02
CA GLU A 219 38.73 6.72 -16.18
C GLU A 219 37.80 5.87 -17.07
N HIS A 220 36.67 5.41 -16.52
CA HIS A 220 35.76 4.57 -17.30
C HIS A 220 34.31 4.97 -17.16
N PRO A 221 33.95 6.13 -17.71
CA PRO A 221 32.56 6.58 -17.65
C PRO A 221 31.62 5.72 -18.49
N GLU A 222 32.17 4.93 -19.41
CA GLU A 222 31.34 4.06 -20.23
C GLU A 222 30.84 2.84 -19.42
N LEU A 223 31.44 2.60 -18.26
CA LEU A 223 30.99 1.53 -17.38
C LEU A 223 29.97 2.00 -16.34
N LEU A 224 29.63 3.29 -16.37
CA LEU A 224 28.80 3.87 -15.33
C LEU A 224 27.33 3.97 -15.74
N LYS A 225 26.46 3.43 -14.91
CA LYS A 225 25.02 3.54 -15.13
C LYS A 225 24.56 5.00 -15.01
N MET A 226 25.17 5.73 -14.08
CA MET A 226 24.96 7.17 -13.93
C MET A 226 26.32 7.83 -13.68
N SER A 227 26.44 9.08 -14.12
CA SER A 227 27.64 9.86 -13.88
C SER A 227 27.70 10.31 -12.40
N ALA A 228 28.91 10.55 -11.88
CA ALA A 228 29.09 10.90 -10.46
C ALA A 228 30.12 12.00 -10.29
N ASP A 229 29.92 12.88 -9.30
CA ASP A 229 30.85 13.97 -9.03
C ASP A 229 32.18 13.37 -8.58
N LEU A 230 33.21 14.20 -8.53
CA LEU A 230 34.57 13.67 -8.34
C LEU A 230 34.74 12.90 -7.03
N GLN A 231 34.10 13.40 -5.96
CA GLN A 231 34.08 12.69 -4.69
C GLN A 231 33.55 11.26 -4.85
N HIS A 232 32.61 11.06 -5.77
CA HIS A 232 31.97 9.76 -5.93
C HIS A 232 32.48 8.99 -7.15
N SER A 233 33.62 9.40 -7.69
CA SER A 233 34.09 8.86 -8.96
C SER A 233 35.27 7.91 -8.80
N ASN A 234 35.30 7.18 -7.69
CA ASN A 234 36.36 6.18 -7.47
C ASN A 234 35.84 4.78 -7.84
N THR A 235 36.35 3.72 -7.20
CA THR A 235 36.05 2.34 -7.58
C THR A 235 34.62 2.07 -8.07
N ILE A 236 34.51 1.46 -9.24
CA ILE A 236 33.24 1.03 -9.80
C ILE A 236 32.87 -0.35 -9.30
N VAL A 237 31.66 -0.51 -8.77
CA VAL A 237 31.11 -1.85 -8.65
C VAL A 237 29.66 -1.81 -9.05
N ASP A 238 29.23 -2.83 -9.79
CA ASP A 238 27.86 -2.96 -10.29
C ASP A 238 27.50 -1.71 -11.07
N GLY A 239 28.43 -1.31 -11.91
CA GLY A 239 28.27 -0.15 -12.77
C GLY A 239 28.08 1.19 -12.08
N VAL A 240 28.44 1.30 -10.81
CA VAL A 240 28.27 2.57 -10.11
C VAL A 240 29.53 2.86 -9.30
N SER A 241 30.09 4.06 -9.50
CA SER A 241 31.31 4.44 -8.80
C SER A 241 30.97 4.96 -7.40
N ARG A 242 31.90 4.77 -6.49
CA ARG A 242 31.66 5.07 -5.09
C ARG A 242 32.73 5.97 -4.53
N ILE A 243 32.53 6.41 -3.30
CA ILE A 243 33.56 7.09 -2.54
C ILE A 243 34.58 6.08 -1.98
N GLY A 244 35.82 6.16 -2.45
CA GLY A 244 36.86 5.31 -1.93
C GLY A 244 37.16 4.11 -2.81
N TRP A 245 38.27 3.45 -2.52
CA TRP A 245 38.71 2.30 -3.29
C TRP A 245 38.65 1.02 -2.48
N MET A 246 38.35 -0.07 -3.16
CA MET A 246 38.37 -1.37 -2.51
C MET A 246 39.07 -2.33 -3.45
N ALA A 247 39.91 -3.19 -2.89
CA ALA A 247 40.58 -4.25 -3.62
C ALA A 247 39.95 -5.59 -3.24
N GLY A 248 40.14 -6.59 -4.10
CA GLY A 248 39.65 -7.94 -3.84
C GLY A 248 38.15 -8.03 -3.62
N GLY A 249 37.74 -9.12 -2.97
CA GLY A 249 36.37 -9.30 -2.54
C GLY A 249 35.33 -9.45 -3.65
N LYS A 250 35.72 -10.05 -4.77
CA LYS A 250 34.79 -10.17 -5.89
C LYS A 250 33.57 -11.01 -5.51
N SER A 251 33.81 -12.11 -4.81
CA SER A 251 32.73 -12.98 -4.35
C SER A 251 31.80 -12.27 -3.36
N ALA A 252 32.26 -11.17 -2.79
CA ALA A 252 31.56 -10.54 -1.68
C ALA A 252 30.88 -9.21 -2.05
N GLU A 253 31.09 -8.76 -3.28
CA GLU A 253 30.47 -7.52 -3.77
C GLU A 253 28.95 -7.58 -3.69
N TRP A 254 28.35 -6.46 -3.40
CA TRP A 254 26.92 -6.33 -3.33
C TRP A 254 26.36 -5.93 -4.71
N LYS A 255 25.05 -6.10 -4.92
CA LYS A 255 24.38 -5.67 -6.14
C LYS A 255 23.21 -4.80 -5.69
N ASP A 256 23.38 -3.49 -5.75
CA ASP A 256 22.43 -2.54 -5.17
C ASP A 256 20.97 -2.87 -5.47
N GLU A 257 20.70 -3.26 -6.72
CA GLU A 257 19.34 -3.56 -7.17
C GLU A 257 18.72 -4.71 -6.37
N GLU A 258 19.59 -5.55 -5.78
CA GLU A 258 19.17 -6.73 -5.02
C GLU A 258 18.93 -6.46 -3.54
N PHE A 259 19.24 -5.25 -3.09
CA PHE A 259 18.96 -4.85 -1.70
C PHE A 259 17.54 -5.07 -1.18
N PRO A 260 16.50 -4.67 -1.92
CA PRO A 260 15.19 -4.75 -1.29
C PRO A 260 14.83 -6.19 -0.95
N HIS A 261 15.34 -7.13 -1.71
CA HIS A 261 15.01 -8.50 -1.46
C HIS A 261 15.93 -9.04 -0.37
N ILE A 262 17.20 -8.67 -0.40
CA ILE A 262 18.15 -9.21 0.55
C ILE A 262 17.77 -8.77 1.96
N PHE A 263 17.53 -7.48 2.14
CA PHE A 263 17.33 -6.96 3.49
C PHE A 263 15.96 -7.33 4.09
N THR A 264 14.89 -7.29 3.30
CA THR A 264 13.60 -7.74 3.82
C THR A 264 13.66 -9.21 4.22
N LYS A 265 14.41 -10.02 3.47
CA LYS A 265 14.48 -11.45 3.75
C LYS A 265 15.14 -11.71 5.10
N LYS A 266 16.30 -11.10 5.33
CA LYS A 266 17.01 -11.24 6.61
C LYS A 266 16.15 -10.79 7.78
N ALA A 267 15.43 -9.69 7.60
CA ALA A 267 14.52 -9.19 8.62
C ALA A 267 13.49 -10.25 8.96
N ILE A 268 12.85 -10.78 7.93
CA ILE A 268 11.79 -11.76 8.12
C ILE A 268 12.34 -13.03 8.75
N ASP A 269 13.55 -13.43 8.37
CA ASP A 269 14.23 -14.55 9.02
C ASP A 269 14.40 -14.27 10.51
N PHE A 270 14.70 -13.02 10.86
CA PHE A 270 14.88 -12.68 12.26
C PHE A 270 13.55 -12.74 13.02
N ILE A 271 12.51 -12.20 12.42
CA ILE A 271 11.17 -12.21 13.01
C ILE A 271 10.65 -13.63 13.18
N SER A 272 11.03 -14.49 12.26
CA SER A 272 10.62 -15.89 12.31
C SER A 272 11.34 -16.61 13.43
N ASP A 273 12.66 -16.50 13.44
CA ASP A 273 13.47 -17.18 14.44
C ASP A 273 13.12 -16.76 15.87
N ASN A 274 12.64 -15.54 16.05
CA ASN A 274 12.43 -15.01 17.39
C ASN A 274 10.96 -14.69 17.73
N LYS A 275 10.04 -15.28 16.97
CA LYS A 275 8.62 -14.96 17.14
C LYS A 275 8.08 -15.42 18.49
N ASP A 276 8.69 -16.47 19.05
CA ASP A 276 8.25 -17.03 20.33
C ASP A 276 8.74 -16.24 21.56
N GLU A 277 9.51 -15.18 21.34
CA GLU A 277 9.96 -14.32 22.44
C GLU A 277 9.83 -12.84 22.14
N SER A 278 10.22 -12.01 23.09
CA SER A 278 10.23 -10.57 22.85
C SER A 278 11.41 -10.23 21.96
N PHE A 279 11.17 -9.54 20.86
CA PHE A 279 12.29 -9.14 19.99
C PHE A 279 12.25 -7.65 19.61
N MET A 280 13.44 -7.11 19.36
CA MET A 280 13.57 -5.77 18.80
C MET A 280 14.35 -5.84 17.49
N LEU A 281 13.78 -5.29 16.44
CA LEU A 281 14.46 -5.17 15.16
C LEU A 281 14.71 -3.70 14.83
N PHE A 282 15.98 -3.38 14.62
CA PHE A 282 16.41 -2.12 14.05
C PHE A 282 16.61 -2.32 12.57
N PHE A 283 15.82 -1.65 11.76
CA PHE A 283 15.89 -1.85 10.33
C PHE A 283 16.28 -0.54 9.66
N PRO A 284 17.59 -0.21 9.64
CA PRO A 284 17.97 1.04 9.01
C PRO A 284 18.08 0.86 7.50
N PHE A 285 17.17 1.46 6.76
CA PHE A 285 17.19 1.36 5.29
C PHE A 285 18.43 2.02 4.69
N SER A 286 18.89 1.46 3.58
CA SER A 286 19.87 2.15 2.75
CA SER A 286 19.87 2.16 2.77
C SER A 286 19.14 3.24 1.97
N ASP A 287 17.94 2.92 1.52
CA ASP A 287 17.09 3.88 0.83
C ASP A 287 16.79 5.02 1.78
N ILE A 288 16.71 6.27 1.31
CA ILE A 288 16.79 6.61 -0.11
C ILE A 288 18.11 7.32 -0.43
N HIS A 289 19.19 6.80 0.16
CA HIS A 289 20.51 7.35 0.00
C HIS A 289 21.04 7.13 -1.43
N VAL A 290 21.94 7.99 -1.88
CA VAL A 290 22.59 7.74 -3.15
C VAL A 290 23.60 6.60 -2.96
N PRO A 291 23.93 5.89 -4.05
CA PRO A 291 23.26 5.98 -5.34
C PRO A 291 21.90 5.28 -5.32
N ARG A 292 20.89 5.94 -5.87
CA ARG A 292 19.60 5.29 -5.98
C ARG A 292 19.58 4.43 -7.22
N VAL A 293 19.79 3.13 -7.01
CA VAL A 293 19.74 2.13 -8.07
C VAL A 293 18.56 1.18 -7.78
N PRO A 294 17.31 1.70 -7.80
CA PRO A 294 16.20 0.90 -7.29
C PRO A 294 15.97 -0.38 -8.10
N ASN A 295 15.25 -1.32 -7.52
CA ASN A 295 14.97 -2.56 -8.21
C ASN A 295 14.04 -2.32 -9.39
N LYS A 296 14.08 -3.21 -10.37
CA LYS A 296 13.23 -3.04 -11.54
C LYS A 296 11.74 -3.11 -11.18
N MET A 297 11.42 -3.64 -10.00
CA MET A 297 10.06 -3.63 -9.47
C MET A 297 9.56 -2.18 -9.28
N PHE A 298 10.52 -1.26 -9.15
CA PHE A 298 10.23 0.13 -8.82
C PHE A 298 10.80 1.13 -9.83
N ALA A 299 11.85 0.73 -10.54
CA ALA A 299 12.57 1.66 -11.41
C ALA A 299 11.67 2.28 -12.48
N GLY A 300 11.65 3.60 -12.50
CA GLY A 300 10.85 4.36 -13.44
C GLY A 300 9.36 4.43 -13.12
N LYS A 301 8.99 4.09 -11.88
CA LYS A 301 7.56 4.02 -11.54
C LYS A 301 7.02 5.21 -10.75
N SER A 302 7.90 6.04 -10.20
CA SER A 302 7.45 7.17 -9.39
C SER A 302 7.20 8.38 -10.25
N GLY A 303 7.83 8.41 -11.42
CA GLY A 303 7.78 9.57 -12.27
C GLY A 303 8.64 10.69 -11.72
N MET A 304 9.52 10.34 -10.78
CA MET A 304 10.48 11.29 -10.22
C MET A 304 11.91 10.80 -10.34
N GLY A 305 12.10 9.71 -11.08
CA GLY A 305 13.42 9.15 -11.30
C GLY A 305 13.84 8.29 -10.14
N PRO A 306 15.12 7.85 -10.14
CA PRO A 306 15.71 7.01 -9.09
C PRO A 306 15.47 7.48 -7.65
N ARG A 307 15.44 8.79 -7.38
CA ARG A 307 15.15 9.27 -6.01
C ARG A 307 13.73 8.88 -5.62
N GLY A 308 12.78 9.08 -6.53
CA GLY A 308 11.39 8.74 -6.26
C GLY A 308 11.12 7.26 -6.29
N ASP A 309 11.79 6.55 -7.20
CA ASP A 309 11.65 5.10 -7.27
C ASP A 309 12.19 4.46 -5.99
N ALA A 310 13.18 5.10 -5.38
CA ALA A 310 13.76 4.64 -4.14
C ALA A 310 12.77 4.80 -2.97
N ILE A 311 12.02 5.90 -2.98
CA ILE A 311 10.94 6.05 -2.00
C ILE A 311 9.97 4.89 -2.14
N LEU A 312 9.58 4.57 -3.38
CA LEU A 312 8.71 3.44 -3.66
C LEU A 312 9.29 2.13 -3.14
N GLN A 313 10.59 1.95 -3.34
CA GLN A 313 11.24 0.73 -2.88
C GLN A 313 11.11 0.57 -1.36
N MET A 314 11.39 1.66 -0.65
CA MET A 314 11.28 1.74 0.81
C MET A 314 9.90 1.32 1.28
N ASP A 315 8.87 1.85 0.63
CA ASP A 315 7.50 1.61 1.05
C ASP A 315 7.09 0.15 0.83
N TRP A 316 7.64 -0.48 -0.19
CA TRP A 316 7.36 -1.88 -0.44
C TRP A 316 8.16 -2.74 0.54
N MET A 317 9.38 -2.33 0.83
CA MET A 317 10.20 -3.03 1.81
C MET A 317 9.53 -3.02 3.18
N SER A 318 9.05 -1.85 3.59
CA SER A 318 8.28 -1.73 4.84
C SER A 318 7.08 -2.66 4.87
N GLY A 319 6.37 -2.74 3.76
CA GLY A 319 5.13 -3.51 3.68
C GLY A 319 5.38 -4.99 3.83
N GLN A 320 6.48 -5.47 3.28
CA GLN A 320 6.83 -6.88 3.38
C GLN A 320 6.99 -7.29 4.82
N ILE A 321 7.66 -6.44 5.59
CA ILE A 321 7.92 -6.68 7.00
C ILE A 321 6.65 -6.51 7.85
N ILE A 322 5.93 -5.42 7.65
CA ILE A 322 4.67 -5.24 8.36
C ILE A 322 3.72 -6.42 8.09
N ASP A 323 3.51 -6.73 6.82
CA ASP A 323 2.58 -7.82 6.45
C ASP A 323 3.00 -9.16 7.06
N GLU A 324 4.30 -9.43 7.13
CA GLU A 324 4.76 -10.65 7.76
C GLU A 324 4.36 -10.65 9.25
N LEU A 325 4.53 -9.52 9.90
CA LEU A 325 4.11 -9.36 11.29
C LEU A 325 2.60 -9.57 11.42
N LYS A 326 1.84 -9.13 10.44
CA LYS A 326 0.40 -9.35 10.45
C LYS A 326 0.03 -10.85 10.35
N LYS A 327 0.48 -11.50 9.27
CA LYS A 327 0.31 -12.94 8.98
C LYS A 327 0.66 -13.88 10.15
N GLN A 328 1.80 -13.61 10.78
CA GLN A 328 2.30 -14.31 11.99
C GLN A 328 1.73 -13.79 13.30
N GLY A 329 0.77 -12.87 13.26
CA GLY A 329 0.00 -12.54 14.46
C GLY A 329 0.80 -11.80 15.50
N LEU A 330 1.88 -11.16 15.07
CA LEU A 330 2.75 -10.42 15.95
C LEU A 330 2.44 -8.94 15.98
N TYR A 331 1.76 -8.45 14.96
CA TYR A 331 1.61 -7.01 14.75
C TYR A 331 0.95 -6.24 15.91
N ASP A 332 -0.16 -6.75 16.43
CA ASP A 332 -0.88 -6.03 17.48
C ASP A 332 -0.03 -5.82 18.73
N ASN A 333 0.83 -6.79 19.03
CA ASN A 333 1.71 -6.72 20.18
C ASN A 333 3.11 -6.35 19.74
N THR A 334 3.18 -5.43 18.79
CA THR A 334 4.44 -4.87 18.32
C THR A 334 4.36 -3.35 18.26
N LEU A 335 5.40 -2.70 18.76
CA LEU A 335 5.53 -1.27 18.66
C LEU A 335 6.45 -0.98 17.49
N ILE A 336 5.91 -0.30 16.50
CA ILE A 336 6.69 0.07 15.36
C ILE A 336 6.95 1.57 15.43
N ILE A 337 8.23 1.91 15.35
CA ILE A 337 8.64 3.30 15.18
C ILE A 337 9.17 3.47 13.78
N PHE A 338 8.50 4.28 12.98
CA PHE A 338 8.98 4.59 11.63
C PHE A 338 9.52 6.00 11.59
N SER A 339 10.80 6.16 11.23
CA SER A 339 11.30 7.50 11.01
C SER A 339 12.50 7.57 10.04
N SER A 340 13.27 8.65 10.16
CA SER A 340 14.33 9.00 9.23
C SER A 340 15.57 9.50 9.97
N ASP A 341 16.76 9.35 9.39
CA ASP A 341 17.96 9.78 10.11
C ASP A 341 18.26 11.28 9.94
N ASN A 342 17.75 11.87 8.87
CA ASN A 342 17.93 13.29 8.61
C ASN A 342 17.04 13.76 7.46
N GLY A 343 17.11 15.05 7.15
CA GLY A 343 16.32 15.67 6.08
C GLY A 343 16.72 15.29 4.67
N PRO A 344 15.93 15.75 3.69
CA PRO A 344 16.06 15.32 2.31
C PRO A 344 17.14 16.06 1.52
N VAL A 345 17.54 15.48 0.38
CA VAL A 345 18.53 16.08 -0.52
C VAL A 345 18.14 15.65 -1.94
N MET A 346 18.33 16.50 -2.95
CA MET A 346 18.08 16.04 -4.33
C MET A 346 19.33 15.40 -4.94
N ASP A 347 20.24 16.23 -5.47
CA ASP A 347 21.55 15.80 -5.98
C ASP A 347 22.58 15.64 -4.85
N ASP A 348 22.89 14.39 -4.50
CA ASP A 348 23.86 14.12 -3.44
C ASP A 348 25.17 13.51 -3.98
N GLY A 349 25.37 13.54 -5.30
CA GLY A 349 26.63 13.14 -5.88
C GLY A 349 26.55 12.52 -7.26
N TYR A 350 25.38 11.99 -7.61
CA TYR A 350 25.18 11.30 -8.87
C TYR A 350 24.18 11.99 -9.79
N ALA A 351 24.38 11.81 -11.09
CA ALA A 351 23.51 12.37 -12.12
C ALA A 351 22.25 11.51 -12.26
N ASP A 352 21.43 11.51 -11.22
CA ASP A 352 20.24 10.67 -11.16
C ASP A 352 18.94 11.41 -11.47
N GLN A 353 19.05 12.57 -12.12
CA GLN A 353 17.86 13.37 -12.48
C GLN A 353 16.93 13.79 -11.33
N ALA A 354 17.38 13.74 -10.08
CA ALA A 354 16.54 14.18 -8.96
C ALA A 354 15.96 15.58 -9.17
N GLU A 355 16.79 16.51 -9.62
CA GLU A 355 16.30 17.86 -9.86
C GLU A 355 15.47 17.97 -11.15
N GLU A 356 15.96 17.38 -12.23
CA GLU A 356 15.26 17.45 -13.51
C GLU A 356 13.86 16.84 -13.47
N LEU A 357 13.68 15.77 -12.71
CA LEU A 357 12.40 15.07 -12.69
C LEU A 357 11.54 15.29 -11.43
N ARG A 358 11.96 16.21 -10.57
CA ARG A 358 11.26 16.50 -9.31
C ARG A 358 9.89 17.11 -9.51
N GLY A 359 9.80 17.98 -10.52
CA GLY A 359 8.58 18.71 -10.81
C GLY A 359 8.23 19.63 -9.66
N ASP A 360 7.02 19.48 -9.16
CA ASP A 360 6.51 20.32 -8.08
C ASP A 360 6.88 19.75 -6.72
N HIS A 361 7.58 18.63 -6.67
CA HIS A 361 7.77 17.96 -5.39
C HIS A 361 8.64 18.78 -4.44
N ASP A 362 8.19 18.90 -3.20
CA ASP A 362 8.94 19.57 -2.15
C ASP A 362 9.18 18.63 -0.97
N PRO A 363 10.35 17.96 -0.95
CA PRO A 363 10.68 16.93 0.03
C PRO A 363 10.82 17.45 1.45
N ALA A 364 10.68 18.76 1.64
CA ALA A 364 10.70 19.32 2.98
C ALA A 364 9.31 19.84 3.36
N ALA A 365 8.41 19.85 2.38
CA ALA A 365 7.04 20.33 2.58
C ALA A 365 6.99 21.72 3.23
N GLY A 366 7.68 22.68 2.62
CA GLY A 366 7.56 24.07 3.05
C GLY A 366 8.48 24.51 4.16
N TYR A 367 9.30 23.60 4.68
CA TYR A 367 10.30 23.97 5.68
C TYR A 367 11.59 24.40 5.00
N ARG A 368 12.31 25.31 5.64
CA ARG A 368 13.56 25.81 5.10
C ARG A 368 14.66 24.81 5.38
N GLY A 369 15.63 24.73 4.48
CA GLY A 369 16.75 23.83 4.64
C GLY A 369 16.53 22.46 4.04
N GLY A 370 17.35 21.52 4.49
CA GLY A 370 17.26 20.14 4.08
C GLY A 370 18.38 19.40 4.76
N LYS A 371 18.84 18.31 4.14
CA LYS A 371 19.96 17.56 4.67
C LYS A 371 21.10 18.53 4.92
N TYR A 372 21.83 18.30 6.01
CA TYR A 372 23.04 19.06 6.40
C TYR A 372 22.71 20.37 7.12
N SER A 373 21.43 20.77 7.13
CA SER A 373 21.04 22.11 7.60
C SER A 373 20.69 22.23 9.09
N ALA A 374 20.78 23.46 9.62
CA ALA A 374 20.33 23.76 10.98
C ALA A 374 18.89 24.22 10.94
N TYR A 375 18.42 24.55 9.74
CA TYR A 375 17.04 24.95 9.55
C TYR A 375 16.17 23.72 9.79
N GLU A 376 14.87 23.95 10.03
CA GLU A 376 13.96 22.89 10.44
C GLU A 376 14.02 21.64 9.57
N ALA A 377 14.21 21.79 8.25
CA ALA A 377 14.15 20.65 7.34
C ALA A 377 15.35 19.73 7.43
N GLY A 378 16.38 20.17 8.17
CA GLY A 378 17.51 19.32 8.49
C GLY A 378 17.16 18.15 9.40
N THR A 379 16.33 18.41 10.42
CA THR A 379 16.03 17.40 11.43
C THR A 379 14.54 17.07 11.54
N ARG A 380 13.69 17.92 10.97
CA ARG A 380 12.26 17.65 11.12
C ARG A 380 11.78 16.68 10.05
N VAL A 381 11.56 15.45 10.48
CA VAL A 381 11.33 14.33 9.60
C VAL A 381 10.03 13.63 9.97
N PRO A 382 9.46 12.85 9.04
CA PRO A 382 8.33 12.00 9.45
C PRO A 382 8.70 11.11 10.64
N MET A 383 7.78 10.97 11.57
CA MET A 383 7.82 9.88 12.54
C MET A 383 6.42 9.40 12.71
N ILE A 384 6.27 8.08 12.68
CA ILE A 384 4.97 7.43 12.81
C ILE A 384 5.17 6.28 13.78
N ILE A 385 4.22 6.13 14.70
CA ILE A 385 4.26 5.06 15.67
C ILE A 385 2.96 4.27 15.64
N THR A 386 3.06 2.96 15.58
CA THR A 386 1.88 2.11 15.75
C THR A 386 2.11 1.09 16.85
N TYR A 387 1.08 0.86 17.66
CA TYR A 387 1.12 -0.14 18.72
C TYR A 387 -0.32 -0.38 19.17
N PRO A 388 -1.04 -1.26 18.46
CA PRO A 388 -2.48 -1.44 18.66
C PRO A 388 -2.90 -1.66 20.10
N LYS A 389 -2.12 -2.46 20.83
CA LYS A 389 -2.41 -2.78 22.23
C LYS A 389 -2.30 -1.58 23.18
N GLY A 390 -1.35 -0.68 22.90
CA GLY A 390 -0.99 0.36 23.83
C GLY A 390 -1.37 1.80 23.50
N ILE A 391 -1.73 2.08 22.25
CA ILE A 391 -2.03 3.46 21.87
C ILE A 391 -3.42 3.83 22.33
N LYS A 392 -3.49 4.88 23.14
CA LYS A 392 -4.73 5.30 23.75
C LYS A 392 -5.50 6.20 22.80
N ASN A 393 -4.76 6.95 21.97
CA ASN A 393 -5.38 7.87 21.03
C ASN A 393 -4.56 8.02 19.77
N ASN A 394 -5.07 7.46 18.67
CA ASN A 394 -4.52 7.66 17.35
C ASN A 394 -4.74 9.09 16.87
N GLY A 395 -3.99 9.49 15.83
CA GLY A 395 -4.14 10.81 15.26
C GLY A 395 -2.81 11.51 15.08
N ASP A 396 -2.86 12.72 14.51
CA ASP A 396 -1.67 13.55 14.32
C ASP A 396 -1.26 14.18 15.65
N SER A 397 0.04 14.08 15.95
CA SER A 397 0.60 14.68 17.16
C SER A 397 1.65 15.75 16.82
N ASN A 398 1.58 16.89 17.51
CA ASN A 398 2.57 17.95 17.38
C ASN A 398 3.44 18.11 18.64
N ALA A 399 3.48 17.06 19.44
CA ALA A 399 4.42 16.99 20.55
C ALA A 399 5.82 17.24 20.04
N LEU A 400 6.57 18.09 20.74
CA LEU A 400 7.97 18.28 20.40
C LEU A 400 8.75 17.06 20.87
N VAL A 401 9.08 16.18 19.94
CA VAL A 401 9.82 14.99 20.31
C VAL A 401 11.07 14.85 19.43
N SER A 402 12.17 14.41 20.05
CA SER A 402 13.42 14.12 19.37
C SER A 402 13.70 12.62 19.45
N GLN A 403 14.37 12.10 18.44
CA GLN A 403 14.71 10.68 18.37
C GLN A 403 15.63 10.25 19.51
N ILE A 404 16.23 11.20 20.20
CA ILE A 404 17.06 10.89 21.36
C ILE A 404 16.21 10.49 22.57
N ASP A 405 14.90 10.72 22.47
CA ASP A 405 13.94 10.37 23.53
C ASP A 405 13.50 8.91 23.48
N ILE A 406 13.69 8.27 22.34
CA ILE A 406 13.32 6.87 22.18
C ILE A 406 13.94 6.00 23.29
N TYR A 407 15.23 6.20 23.56
CA TYR A 407 15.98 5.43 24.56
C TYR A 407 15.25 5.29 25.89
N LYS A 408 15.03 6.39 26.59
CA LYS A 408 14.35 6.34 27.89
C LYS A 408 12.89 5.91 27.78
N SER A 409 12.27 6.20 26.64
CA SER A 409 10.87 5.84 26.45
C SER A 409 10.68 4.32 26.36
N LEU A 410 11.53 3.65 25.56
CA LEU A 410 11.53 2.20 25.49
C LEU A 410 11.94 1.59 26.82
N ALA A 411 12.86 2.23 27.53
CA ALA A 411 13.26 1.77 28.85
C ALA A 411 12.04 1.58 29.74
N GLU A 412 11.23 2.63 29.83
CA GLU A 412 9.97 2.59 30.58
C GLU A 412 9.04 1.50 30.04
N LEU A 413 9.01 1.34 28.72
CA LEU A 413 8.21 0.30 28.09
C LEU A 413 8.72 -1.07 28.53
N ALA A 414 10.03 -1.25 28.45
CA ALA A 414 10.64 -2.55 28.76
C ALA A 414 10.77 -2.80 30.25
N GLY A 415 10.55 -1.76 31.06
CA GLY A 415 10.66 -1.87 32.51
C GLY A 415 12.08 -1.93 33.03
N VAL A 416 12.98 -1.14 32.46
CA VAL A 416 14.38 -1.09 32.87
C VAL A 416 14.75 0.21 33.58
N LYS A 417 15.38 0.11 34.74
CA LYS A 417 15.84 1.33 35.41
C LYS A 417 17.16 1.78 34.82
N LEU A 418 17.24 3.05 34.46
CA LEU A 418 18.46 3.60 33.91
C LEU A 418 19.36 4.23 34.99
N ASP A 419 20.66 3.99 34.86
CA ASP A 419 21.66 4.72 35.63
C ASP A 419 21.53 6.21 35.39
N ASN A 420 22.06 7.02 36.30
CA ASN A 420 21.99 8.46 36.17
C ASN A 420 22.86 8.92 35.01
N SER A 421 23.78 8.05 34.61
CA SER A 421 24.75 8.33 33.56
C SER A 421 24.34 7.74 32.21
N GLU A 422 23.36 6.84 32.22
CA GLU A 422 22.89 6.17 31.01
C GLU A 422 21.82 6.97 30.28
N ALA A 423 22.10 7.27 29.01
CA ALA A 423 21.20 8.08 28.18
C ALA A 423 20.93 9.41 28.86
N ILE A 424 21.97 10.20 29.09
CA ILE A 424 21.83 11.41 29.88
C ILE A 424 21.01 12.49 29.19
N ASP A 425 21.08 12.54 27.86
CA ASP A 425 20.45 13.60 27.09
C ASP A 425 19.07 13.19 26.59
N SER A 426 18.65 11.98 26.95
CA SER A 426 17.37 11.43 26.55
C SER A 426 16.28 11.88 27.52
N LYS A 427 15.02 11.89 27.08
CA LYS A 427 13.89 12.15 27.95
C LYS A 427 12.76 11.17 27.67
N ASN A 428 12.07 10.75 28.72
CA ASN A 428 10.95 9.84 28.53
C ASN A 428 9.79 10.57 27.86
N MET A 429 9.48 10.15 26.64
CA MET A 429 8.37 10.70 25.85
C MET A 429 7.33 9.63 25.55
N LEU A 430 7.31 8.59 26.37
CA LEU A 430 6.40 7.46 26.14
C LEU A 430 4.92 7.88 26.17
N PRO A 431 4.53 8.82 27.05
CA PRO A 431 3.13 9.24 26.93
C PRO A 431 2.77 9.83 25.56
N ALA A 432 3.69 10.59 24.97
CA ALA A 432 3.43 11.29 23.71
C ALA A 432 3.60 10.35 22.55
N PHE A 433 4.33 9.26 22.78
CA PHE A 433 4.47 8.22 21.79
C PHE A 433 3.23 7.32 21.69
N LEU A 434 2.35 7.36 22.70
CA LEU A 434 1.19 6.45 22.70
C LEU A 434 -0.14 7.19 22.79
N ASP A 435 -0.10 8.50 22.81
CA ASP A 435 -1.30 9.28 22.97
C ASP A 435 -1.12 10.59 22.22
N ALA A 436 -1.82 10.72 21.10
CA ALA A 436 -1.61 11.88 20.24
C ALA A 436 -2.09 13.15 20.92
N LYS A 437 -2.63 12.98 22.13
CA LYS A 437 -3.15 14.09 22.88
C LYS A 437 -2.13 14.62 23.91
N GLU A 438 -1.15 13.80 24.24
CA GLU A 438 -0.09 14.21 25.14
C GLU A 438 0.94 15.14 24.49
N SER A 439 1.50 16.06 25.27
CA SER A 439 2.61 16.86 24.77
C SER A 439 3.94 16.23 25.10
N GLY A 440 4.99 16.76 24.49
CA GLY A 440 6.33 16.25 24.63
C GLY A 440 7.22 17.24 25.34
N ARG A 441 8.28 17.65 24.67
CA ARG A 441 9.34 18.44 25.27
C ARG A 441 9.05 19.92 25.40
N THR A 442 9.77 20.55 26.31
CA THR A 442 9.83 22.01 26.45
C THR A 442 10.76 22.58 25.40
N ASP A 443 11.99 22.08 25.42
CA ASP A 443 12.98 22.50 24.45
C ASP A 443 13.77 21.28 23.97
N MET A 444 14.53 21.49 22.91
CA MET A 444 15.08 20.40 22.13
C MET A 444 16.30 20.88 21.35
N LEU A 445 17.34 20.06 21.30
CA LEU A 445 18.51 20.41 20.48
C LEU A 445 18.37 19.83 19.08
N GLU A 446 18.97 20.49 18.11
CA GLU A 446 19.15 19.93 16.77
C GLU A 446 20.61 20.14 16.47
N GLU A 447 21.30 19.10 16.01
CA GLU A 447 22.73 19.22 15.72
C GLU A 447 23.02 19.23 14.23
N SER A 448 23.90 20.12 13.80
CA SER A 448 24.30 20.16 12.41
C SER A 448 25.81 20.43 12.34
N PHE A 449 26.21 21.34 11.46
CA PHE A 449 27.57 21.86 11.50
C PHE A 449 27.64 22.94 12.57
N THR A 450 26.49 23.49 12.95
CA THR A 450 26.37 24.28 14.18
C THR A 450 25.46 23.55 15.19
N LEU A 451 24.96 24.27 16.20
CA LEU A 451 23.96 23.72 17.10
C LEU A 451 22.81 24.68 17.13
N ALA A 452 21.61 24.13 17.21
CA ALA A 452 20.41 24.93 17.23
C ALA A 452 19.48 24.39 18.30
N ILE A 453 18.65 25.25 18.87
CA ILE A 453 17.71 24.84 19.89
C ILE A 453 16.29 25.35 19.62
N ARG A 454 15.33 24.47 19.87
CA ARG A 454 13.91 24.77 19.83
C ARG A 454 13.43 24.98 21.26
N SER A 455 12.66 26.02 21.49
CA SER A 455 12.01 26.20 22.78
C SER A 455 10.61 26.66 22.45
N GLY A 456 9.67 25.71 22.44
CA GLY A 456 8.33 25.97 21.96
C GLY A 456 8.35 26.44 20.51
N LYS A 457 7.71 27.59 20.25
CA LYS A 457 7.62 28.14 18.90
C LYS A 457 8.94 28.75 18.42
N TRP A 458 9.86 28.98 19.35
CA TRP A 458 11.09 29.65 19.01
C TRP A 458 12.09 28.68 18.40
N LYS A 459 12.84 29.18 17.43
CA LYS A 459 13.92 28.43 16.79
C LYS A 459 15.19 29.29 16.78
N TYR A 460 16.22 28.87 17.53
CA TYR A 460 17.48 29.59 17.59
C TYR A 460 18.58 28.76 16.95
N ILE A 461 19.43 29.43 16.17
CA ILE A 461 20.59 28.81 15.52
C ILE A 461 21.87 29.57 15.91
N ALA A 462 22.73 28.92 16.71
CA ALA A 462 23.96 29.56 17.20
C ALA A 462 24.93 29.92 16.05
N PRO A 463 25.60 31.08 16.14
CA PRO A 463 26.57 31.50 15.10
C PRO A 463 27.66 30.48 14.86
N PHE A 464 27.97 30.24 13.58
CA PHE A 464 29.00 29.27 13.23
C PHE A 464 30.24 29.96 12.70
N ASN A 465 31.39 29.57 13.26
CA ASN A 465 32.67 30.15 12.89
C ASN A 465 33.77 29.09 12.79
N GLY A 466 33.42 27.93 12.24
CA GLY A 466 34.41 26.90 11.98
C GLY A 466 34.68 26.74 10.50
N THR A 467 35.16 25.58 10.11
CA THR A 467 35.30 25.27 8.69
C THR A 467 34.48 24.01 8.39
N THR A 468 34.07 23.85 7.13
CA THR A 468 33.23 22.72 6.72
C THR A 468 33.89 21.93 5.58
N PRO A 469 33.67 20.60 5.54
CA PRO A 469 34.34 19.76 4.53
C PRO A 469 34.07 20.21 3.10
N ASP A 470 35.02 19.95 2.21
CA ASP A 470 34.94 20.43 0.84
C ASP A 470 33.71 19.96 0.08
N TRP A 471 33.19 18.79 0.44
CA TRP A 471 32.06 18.24 -0.29
C TRP A 471 30.78 19.01 -0.03
N LEU A 472 30.76 19.79 1.03
CA LEU A 472 29.57 20.55 1.37
C LEU A 472 29.28 21.58 0.30
N ALA A 473 30.33 21.95 -0.46
CA ALA A 473 30.19 22.93 -1.54
C ALA A 473 29.24 22.45 -2.61
N ASN A 474 29.21 21.13 -2.80
CA ASN A 474 28.34 20.46 -3.76
C ASN A 474 26.84 20.54 -3.38
N LYS A 475 26.56 20.84 -2.11
CA LYS A 475 25.20 20.72 -1.57
C LYS A 475 24.49 22.06 -1.41
N THR A 476 24.92 23.04 -2.19
CA THR A 476 24.48 24.42 -2.03
C THR A 476 23.04 24.69 -2.47
N ALA A 477 22.42 23.72 -3.15
CA ALA A 477 20.99 23.79 -3.45
C ALA A 477 20.22 23.85 -2.14
N ILE A 478 20.88 23.42 -1.07
CA ILE A 478 20.35 23.41 0.30
C ILE A 478 21.00 24.49 1.18
N GLU A 479 20.18 25.37 1.76
CA GLU A 479 20.67 26.39 2.68
C GLU A 479 21.04 25.77 4.01
N ASN A 480 22.34 25.78 4.34
CA ASN A 480 22.83 25.09 5.54
C ASN A 480 22.59 25.86 6.83
N GLY A 481 22.25 27.14 6.71
CA GLY A 481 21.91 27.95 7.87
C GLY A 481 23.07 28.40 8.73
N LEU A 482 24.29 28.21 8.23
CA LEU A 482 25.51 28.56 8.97
C LEU A 482 25.91 30.01 8.73
N LYS A 483 25.74 30.83 9.75
CA LYS A 483 25.99 32.25 9.65
C LYS A 483 26.86 32.61 10.84
N THR A 484 27.55 33.75 10.79
CA THR A 484 28.34 34.18 11.92
C THR A 484 27.49 34.98 12.88
N GLU A 485 26.28 35.33 12.45
CA GLU A 485 25.34 36.03 13.32
C GLU A 485 24.29 35.07 13.87
N PRO A 486 23.76 35.37 15.05
CA PRO A 486 22.68 34.55 15.63
C PRO A 486 21.43 34.63 14.76
N GLN A 487 20.61 33.59 14.82
CA GLN A 487 19.32 33.55 14.11
C GLN A 487 18.26 33.02 15.06
N LEU A 488 17.13 33.74 15.10
CA LEU A 488 16.01 33.40 15.95
C LEU A 488 14.73 33.51 15.14
N PHE A 489 13.91 32.46 15.15
CA PHE A 489 12.66 32.45 14.39
C PHE A 489 11.49 32.03 15.27
N ASP A 490 10.32 32.62 15.00
CA ASP A 490 9.05 32.19 15.60
C ASP A 490 8.33 31.31 14.60
N LEU A 491 8.45 29.99 14.74
CA LEU A 491 7.86 29.08 13.77
C LEU A 491 6.34 29.12 13.72
N SER A 492 5.72 29.86 14.65
CA SER A 492 4.25 29.97 14.73
C SER A 492 3.72 31.13 13.91
N LYS A 493 4.62 32.00 13.48
CA LYS A 493 4.27 33.10 12.58
C LYS A 493 5.08 32.93 11.31
N ASP A 494 6.14 32.15 11.42
CA ASP A 494 7.18 32.10 10.42
C ASP A 494 7.69 30.67 10.33
N ARG A 495 6.84 29.77 9.85
CA ARG A 495 7.14 28.35 9.83
C ARG A 495 8.36 28.02 8.97
N ASN A 496 8.59 28.87 7.97
CA ASN A 496 9.62 28.63 6.97
C ASN A 496 10.96 29.27 7.31
N GLU A 497 11.03 29.94 8.46
CA GLU A 497 12.27 30.57 8.94
C GLU A 497 12.84 31.64 7.99
N GLN A 498 12.01 32.57 7.53
CA GLN A 498 12.47 33.58 6.57
C GLN A 498 12.70 34.94 7.20
N HIS A 499 12.34 35.08 8.47
CA HIS A 499 12.46 36.37 9.13
C HIS A 499 13.16 36.23 10.48
N ASN A 500 14.44 36.58 10.47
CA ASN A 500 15.26 36.56 11.66
C ASN A 500 14.92 37.74 12.58
N VAL A 501 14.62 37.46 13.84
CA VAL A 501 14.16 38.49 14.75
C VAL A 501 15.00 38.50 16.01
N ALA A 502 16.29 38.23 15.83
CA ALA A 502 17.26 38.20 16.90
C ALA A 502 17.65 39.60 17.36
N ASP A 503 17.57 40.58 16.46
CA ASP A 503 17.84 41.96 16.85
C ASP A 503 16.61 42.53 17.57
N LYS A 504 15.47 41.88 17.38
CA LYS A 504 14.23 42.31 18.02
C LYS A 504 14.15 41.77 19.42
N TYR A 505 14.86 40.67 19.65
CA TYR A 505 14.72 39.91 20.88
C TYR A 505 16.06 39.48 21.49
N PRO A 506 16.93 40.46 21.84
CA PRO A 506 18.25 40.10 22.37
C PRO A 506 18.16 39.35 23.71
N LYS A 507 17.16 39.71 24.51
CA LYS A 507 16.83 39.03 25.76
C LYS A 507 16.70 37.52 25.55
N LEU A 508 16.02 37.18 24.48
CA LEU A 508 15.72 35.81 24.17
C LEU A 508 16.96 35.15 23.59
N VAL A 509 17.65 35.87 22.70
CA VAL A 509 18.84 35.34 22.05
C VAL A 509 19.89 34.95 23.09
N PHE A 510 20.14 35.84 24.03
CA PHE A 510 21.11 35.58 25.09
C PHE A 510 20.71 34.35 25.91
N SER A 511 19.42 34.22 26.15
CA SER A 511 18.91 33.13 26.98
C SER A 511 19.17 31.78 26.33
N LEU A 512 18.63 31.62 25.12
CA LEU A 512 18.75 30.41 24.35
C LEU A 512 20.21 30.02 24.04
N GLN A 513 21.08 31.02 23.85
CA GLN A 513 22.49 30.73 23.58
C GLN A 513 23.18 30.13 24.79
N ALA A 514 22.91 30.69 25.97
CA ALA A 514 23.46 30.18 27.21
C ALA A 514 22.97 28.75 27.45
N LYS A 515 21.72 28.50 27.08
CA LYS A 515 21.16 27.15 27.16
C LYS A 515 21.99 26.18 26.34
N ILE A 516 22.33 26.55 25.12
CA ILE A 516 23.20 25.74 24.26
C ILE A 516 24.57 25.62 24.89
N ASN A 517 25.09 26.73 25.40
CA ASN A 517 26.37 26.69 26.09
C ASN A 517 26.32 25.81 27.33
N LYS A 518 25.29 25.98 28.15
CA LYS A 518 25.14 25.21 29.39
C LYS A 518 25.03 23.71 29.11
N ILE A 519 24.24 23.35 28.09
CA ILE A 519 24.18 21.99 27.56
C ILE A 519 25.55 21.42 27.17
N LYS A 520 26.38 22.22 26.50
CA LYS A 520 27.73 21.81 26.17
C LYS A 520 28.64 21.67 27.38
N ALA A 521 28.23 22.26 28.49
CA ALA A 521 29.04 22.27 29.70
C ALA A 521 28.55 21.25 30.72
N ARG A 522 27.41 20.62 30.44
CA ARG A 522 26.91 19.52 31.28
C ARG A 522 28.00 18.50 31.49
N LYS A 523 28.39 18.31 32.74
CA LYS A 523 29.44 17.35 33.09
C LYS A 523 28.85 16.18 33.87
N LYS B 45 -22.36 -4.23 17.44
CA LYS B 45 -22.76 -4.51 16.07
C LYS B 45 -21.76 -3.91 15.09
N PRO B 46 -21.02 -4.77 14.36
CA PRO B 46 -19.97 -4.20 13.52
C PRO B 46 -20.48 -3.53 12.25
N ASN B 47 -19.80 -2.46 11.83
CA ASN B 47 -20.03 -1.92 10.50
C ASN B 47 -19.62 -2.95 9.48
N ILE B 48 -20.12 -2.79 8.27
CA ILE B 48 -19.85 -3.71 7.20
C ILE B 48 -19.47 -2.96 5.94
N VAL B 49 -18.29 -3.23 5.40
CA VAL B 49 -17.90 -2.64 4.14
C VAL B 49 -17.61 -3.72 3.12
N ILE B 50 -18.30 -3.65 1.99
CA ILE B 50 -18.05 -4.59 0.92
C ILE B 50 -17.44 -3.88 -0.27
N PHE B 51 -16.14 -4.12 -0.48
CA PHE B 51 -15.44 -3.68 -1.67
C PHE B 51 -15.70 -4.69 -2.76
N TYR B 52 -16.31 -4.27 -3.86
CA TYR B 52 -16.73 -5.23 -4.90
C TYR B 52 -16.16 -4.91 -6.29
N VAL B 53 -15.00 -5.49 -6.61
CA VAL B 53 -14.29 -5.10 -7.84
C VAL B 53 -14.89 -5.74 -9.12
N ASP B 54 -14.80 -5.01 -10.23
CA ASP B 54 -15.37 -5.42 -11.51
C ASP B 54 -14.34 -6.20 -12.32
N ASP B 55 -14.62 -7.48 -12.59
CA ASP B 55 -13.77 -8.32 -13.44
C ASP B 55 -12.42 -8.70 -12.81
N LEU B 56 -12.31 -8.61 -11.49
CA LEU B 56 -11.03 -8.90 -10.85
C LEU B 56 -10.76 -10.40 -10.83
N GLY B 57 -9.65 -10.78 -11.46
CA GLY B 57 -9.26 -12.18 -11.55
C GLY B 57 -8.62 -12.71 -10.28
N TYR B 58 -8.58 -14.03 -10.19
CA TYR B 58 -8.01 -14.72 -9.05
C TYR B 58 -6.55 -14.33 -8.84
N GLY B 59 -5.83 -14.07 -9.92
CA GLY B 59 -4.42 -13.73 -9.81
C GLY B 59 -4.10 -12.27 -10.05
N ASP B 60 -5.07 -11.38 -9.92
CA ASP B 60 -4.86 -9.94 -10.16
C ASP B 60 -4.55 -9.20 -8.87
N LEU B 61 -4.00 -9.93 -7.89
CA LEU B 61 -3.51 -9.37 -6.63
C LEU B 61 -2.13 -9.95 -6.38
N SER B 62 -1.19 -9.15 -5.90
CA SER B 62 0.11 -9.73 -5.59
C SER B 62 0.02 -10.66 -4.36
N SER B 63 -0.99 -10.50 -3.50
CA SER B 63 -1.17 -11.49 -2.43
C SER B 63 -1.71 -12.81 -2.99
N TYR B 64 -2.10 -12.82 -4.25
CA TYR B 64 -2.50 -14.04 -4.91
C TYR B 64 -1.52 -14.48 -6.00
N GLY B 65 -0.33 -13.87 -6.03
CA GLY B 65 0.70 -14.30 -6.98
C GLY B 65 1.06 -13.32 -8.09
N MET B 66 0.31 -12.23 -8.23
CA MET B 66 0.68 -11.26 -9.25
C MET B 66 2.04 -10.64 -8.99
N GLU B 67 2.86 -10.58 -10.04
CA GLU B 67 4.25 -10.14 -9.90
C GLU B 67 4.59 -8.84 -10.60
N GLN B 68 3.82 -8.50 -11.62
CA GLN B 68 4.17 -7.39 -12.50
C GLN B 68 3.63 -6.08 -11.98
N ALA B 69 2.68 -6.17 -11.04
CA ALA B 69 2.24 -5.00 -10.27
C ALA B 69 2.11 -5.35 -8.78
N GLN B 70 1.96 -4.33 -7.94
CA GLN B 70 1.85 -4.48 -6.49
C GLN B 70 0.50 -3.95 -5.99
N THR B 71 -0.21 -4.74 -5.19
CA THR B 71 -1.48 -4.27 -4.62
C THR B 71 -1.37 -4.27 -3.08
N PRO B 72 -0.68 -3.26 -2.52
CA PRO B 72 -0.30 -3.25 -1.10
C PRO B 72 -1.42 -3.05 -0.09
N ASN B 73 -2.39 -2.19 -0.39
CA ASN B 73 -3.49 -1.94 0.53
C ASN B 73 -4.35 -3.19 0.69
N ILE B 74 -4.69 -3.80 -0.44
CA ILE B 74 -5.43 -5.06 -0.45
C ILE B 74 -4.59 -6.24 0.11
N ASP B 75 -3.30 -6.26 -0.20
CA ASP B 75 -2.47 -7.32 0.40
C ASP B 75 -2.37 -7.15 1.93
N ALA B 76 -2.39 -5.91 2.41
CA ALA B 76 -2.33 -5.67 3.85
C ALA B 76 -3.58 -6.23 4.53
N LEU B 77 -4.73 -6.09 3.88
CA LEU B 77 -5.98 -6.73 4.31
C LEU B 77 -5.83 -8.24 4.35
N ALA B 78 -5.27 -8.80 3.29
CA ALA B 78 -5.02 -10.24 3.22
C ALA B 78 -4.10 -10.74 4.34
N ALA B 79 -3.07 -9.96 4.65
CA ALA B 79 -2.07 -10.38 5.65
C ALA B 79 -2.64 -10.36 7.07
N GLU B 80 -3.57 -9.43 7.33
CA GLU B 80 -4.14 -9.26 8.66
C GLU B 80 -5.28 -10.23 8.88
N GLY B 81 -6.05 -10.48 7.83
CA GLY B 81 -7.27 -11.24 7.97
C GLY B 81 -7.19 -12.63 7.40
N ILE B 82 -8.23 -13.00 6.66
CA ILE B 82 -8.28 -14.32 6.07
C ILE B 82 -8.36 -14.19 4.57
N ARG B 83 -7.45 -14.89 3.90
CA ARG B 83 -7.32 -14.88 2.44
C ARG B 83 -7.94 -16.16 1.90
N PHE B 84 -9.02 -16.03 1.14
CA PHE B 84 -9.78 -17.19 0.71
C PHE B 84 -9.34 -17.71 -0.65
N THR B 85 -9.07 -19.00 -0.74
CA THR B 85 -8.57 -19.56 -2.00
C THR B 85 -9.60 -20.39 -2.77
N ASP B 86 -10.76 -20.65 -2.19
CA ASP B 86 -11.82 -21.39 -2.91
C ASP B 86 -13.14 -20.62 -2.83
N ALA B 87 -13.06 -19.31 -3.00
CA ALA B 87 -14.22 -18.43 -2.83
C ALA B 87 -14.71 -17.96 -4.18
N HIS B 88 -16.04 -17.94 -4.32
CA HIS B 88 -16.67 -17.78 -5.63
C HIS B 88 -17.70 -16.66 -5.68
N SER B 89 -17.75 -15.97 -6.82
CA SER B 89 -18.91 -15.14 -7.10
C SER B 89 -19.98 -16.13 -7.54
N SER B 90 -21.24 -15.73 -7.53
CA SER B 90 -22.26 -16.68 -7.94
C SER B 90 -22.15 -16.95 -9.43
N ALA B 91 -21.84 -15.91 -10.20
CA ALA B 91 -21.90 -16.03 -11.67
C ALA B 91 -20.63 -15.52 -12.35
N ALA B 92 -20.49 -15.79 -13.65
CA ALA B 92 -19.30 -15.35 -14.36
C ALA B 92 -19.55 -14.05 -15.15
N THR B 93 -20.65 -13.36 -14.85
CA THR B 93 -20.88 -11.99 -15.34
C THR B 93 -21.48 -11.10 -14.24
N SER B 94 -21.64 -9.81 -14.55
CA SER B 94 -21.91 -8.77 -13.53
C SER B 94 -23.28 -8.85 -12.88
N THR B 95 -24.32 -8.47 -13.62
CA THR B 95 -25.69 -8.47 -13.12
C THR B 95 -26.12 -9.72 -12.33
N PRO B 96 -25.94 -10.95 -12.87
CA PRO B 96 -26.40 -12.11 -12.10
C PRO B 96 -25.66 -12.29 -10.77
N SER B 97 -24.36 -12.04 -10.77
CA SER B 97 -23.58 -12.17 -9.54
C SER B 97 -24.09 -11.15 -8.53
N ARG B 98 -24.36 -9.95 -9.02
CA ARG B 98 -24.88 -8.86 -8.19
C ARG B 98 -26.25 -9.19 -7.66
N TYR B 99 -27.10 -9.75 -8.54
CA TYR B 99 -28.41 -10.25 -8.15
C TYR B 99 -28.37 -11.26 -7.01
N SER B 100 -27.50 -12.25 -7.12
CA SER B 100 -27.43 -13.30 -6.11
C SER B 100 -26.81 -12.76 -4.82
N LEU B 101 -26.04 -11.69 -4.95
CA LEU B 101 -25.44 -11.02 -3.79
C LEU B 101 -26.52 -10.43 -2.91
N LEU B 102 -27.34 -9.56 -3.50
CA LEU B 102 -28.38 -8.87 -2.76
C LEU B 102 -29.66 -9.68 -2.50
N THR B 103 -29.87 -10.78 -3.20
CA THR B 103 -31.10 -11.55 -2.98
C THR B 103 -30.86 -12.85 -2.24
N GLY B 104 -29.62 -13.33 -2.23
CA GLY B 104 -29.30 -14.59 -1.62
C GLY B 104 -29.98 -15.70 -2.38
N GLN B 105 -30.19 -15.43 -3.66
CA GLN B 105 -30.98 -16.28 -4.52
C GLN B 105 -30.33 -16.40 -5.88
N TYR B 106 -30.14 -17.64 -6.34
CA TYR B 106 -29.56 -17.93 -7.64
C TYR B 106 -30.14 -17.08 -8.78
N ALA B 107 -29.27 -16.71 -9.72
CA ALA B 107 -29.66 -15.79 -10.79
C ALA B 107 -30.69 -16.37 -11.75
N PHE B 108 -30.59 -17.66 -12.05
CA PHE B 108 -31.47 -18.25 -13.04
C PHE B 108 -32.95 -18.14 -12.63
N ARG B 109 -33.19 -18.07 -11.32
CA ARG B 109 -34.56 -17.96 -10.79
C ARG B 109 -35.29 -16.67 -11.21
N ASN B 110 -34.62 -15.80 -11.93
CA ASN B 110 -35.26 -14.57 -12.41
C ASN B 110 -34.69 -14.19 -13.78
N ASN B 111 -33.99 -15.15 -14.37
CA ASN B 111 -33.38 -15.04 -15.70
C ASN B 111 -32.46 -13.83 -15.82
N ALA B 112 -31.91 -13.39 -14.67
CA ALA B 112 -30.98 -12.26 -14.55
C ALA B 112 -29.72 -12.41 -15.38
N ALA B 113 -29.41 -11.41 -16.18
CA ALA B 113 -28.21 -11.44 -16.99
C ALA B 113 -27.77 -10.02 -17.34
N ILE B 114 -26.63 -9.89 -18.00
CA ILE B 114 -26.01 -8.59 -18.28
C ILE B 114 -27.03 -7.61 -18.87
N LEU B 115 -27.24 -6.50 -18.18
CA LEU B 115 -28.28 -5.52 -18.53
C LEU B 115 -27.78 -4.28 -19.26
N PRO B 116 -28.61 -3.74 -20.17
CA PRO B 116 -28.32 -2.43 -20.74
C PRO B 116 -28.59 -1.34 -19.71
N GLY B 117 -28.10 -0.13 -19.98
CA GLY B 117 -28.24 0.97 -19.04
C GLY B 117 -29.66 1.46 -18.86
N ASP B 118 -30.59 1.03 -19.71
CA ASP B 118 -31.97 1.48 -19.61
C ASP B 118 -32.94 0.37 -19.22
N ALA B 119 -32.40 -0.72 -18.72
CA ALA B 119 -33.21 -1.84 -18.28
C ALA B 119 -33.88 -1.53 -16.96
N PRO B 120 -35.12 -1.99 -16.80
CA PRO B 120 -35.80 -1.87 -15.50
C PRO B 120 -35.14 -2.73 -14.44
N LEU B 121 -35.31 -2.30 -13.20
CA LEU B 121 -34.79 -2.98 -12.02
C LEU B 121 -35.23 -4.44 -12.00
N ILE B 122 -34.29 -5.37 -11.84
CA ILE B 122 -34.66 -6.78 -11.88
C ILE B 122 -34.88 -7.40 -10.49
N ILE B 123 -34.66 -6.62 -9.44
CA ILE B 123 -34.87 -7.10 -8.08
C ILE B 123 -36.21 -6.57 -7.60
N ASP B 124 -37.02 -7.45 -7.00
CA ASP B 124 -38.37 -7.07 -6.61
C ASP B 124 -38.37 -6.21 -5.35
N HIS B 125 -38.71 -4.93 -5.51
CA HIS B 125 -38.57 -3.98 -4.42
C HIS B 125 -39.55 -4.25 -3.28
N THR B 126 -40.49 -5.16 -3.53
CA THR B 126 -41.51 -5.58 -2.56
C THR B 126 -41.05 -6.77 -1.71
N LYS B 127 -39.95 -7.37 -2.13
CA LYS B 127 -39.42 -8.55 -1.46
C LYS B 127 -38.15 -8.20 -0.70
N PRO B 128 -37.74 -9.05 0.25
CA PRO B 128 -36.58 -8.69 1.07
C PRO B 128 -35.29 -8.61 0.25
N THR B 129 -34.31 -7.87 0.77
CA THR B 129 -32.99 -7.79 0.16
C THR B 129 -31.96 -7.82 1.27
N LEU B 130 -30.69 -7.95 0.91
CA LEU B 130 -29.62 -7.85 1.91
C LEU B 130 -29.57 -6.47 2.62
N PRO B 131 -29.74 -5.33 1.90
CA PRO B 131 -29.74 -4.02 2.58
C PRO B 131 -30.91 -3.78 3.50
N LYS B 132 -32.09 -4.23 3.06
CA LYS B 132 -33.31 -4.21 3.87
C LYS B 132 -33.16 -4.98 5.18
N MET B 133 -32.63 -6.21 5.07
CA MET B 133 -32.36 -7.05 6.24
C MET B 133 -31.50 -6.33 7.25
N LEU B 134 -30.44 -5.69 6.77
CA LEU B 134 -29.57 -4.89 7.61
C LEU B 134 -30.31 -3.72 8.22
N GLN B 135 -31.19 -3.10 7.45
CA GLN B 135 -31.95 -1.98 7.99
C GLN B 135 -32.80 -2.42 9.19
N LYS B 136 -33.35 -3.63 9.14
CA LYS B 136 -34.10 -4.22 10.26
C LYS B 136 -33.26 -4.27 11.55
N ALA B 137 -31.96 -4.48 11.39
CA ALA B 137 -31.02 -4.57 12.50
C ALA B 137 -30.46 -3.21 12.89
N GLY B 138 -30.94 -2.15 12.24
CA GLY B 138 -30.58 -0.80 12.66
C GLY B 138 -29.56 -0.05 11.80
N TYR B 139 -28.91 -0.74 10.87
CA TYR B 139 -27.86 -0.11 10.07
C TYR B 139 -28.36 1.03 9.18
N LYS B 140 -27.51 2.03 9.00
CA LYS B 140 -27.63 3.05 7.97
C LYS B 140 -26.88 2.58 6.74
N THR B 141 -27.58 2.43 5.61
CA THR B 141 -27.02 1.79 4.40
C THR B 141 -26.73 2.73 3.22
N GLY B 142 -25.80 2.31 2.36
CA GLY B 142 -25.42 3.10 1.21
C GLY B 142 -24.68 2.34 0.12
N VAL B 143 -24.92 2.70 -1.13
CA VAL B 143 -24.18 2.11 -2.24
C VAL B 143 -23.54 3.23 -3.07
N VAL B 144 -22.23 3.10 -3.32
CA VAL B 144 -21.48 4.06 -4.11
C VAL B 144 -20.61 3.31 -5.13
N GLY B 145 -20.85 3.54 -6.41
CA GLY B 145 -20.18 2.76 -7.45
C GLY B 145 -21.16 2.36 -8.54
N LYS B 146 -20.86 1.26 -9.25
CA LYS B 146 -21.75 0.82 -10.33
C LYS B 146 -22.94 0.04 -9.78
N TRP B 147 -23.97 -0.09 -10.59
CA TRP B 147 -25.22 -0.73 -10.17
C TRP B 147 -25.52 -1.97 -11.02
N HIS B 148 -25.76 -1.73 -12.31
CA HIS B 148 -26.01 -2.76 -13.31
C HIS B 148 -27.15 -3.73 -12.96
N LEU B 149 -28.14 -3.27 -12.20
CA LEU B 149 -29.23 -4.15 -11.81
C LEU B 149 -30.53 -3.66 -12.39
N GLY B 150 -30.49 -2.46 -12.97
CA GLY B 150 -31.66 -1.89 -13.60
C GLY B 150 -32.28 -0.82 -12.73
N LEU B 151 -33.04 0.06 -13.37
CA LEU B 151 -33.67 1.17 -12.69
C LEU B 151 -35.07 1.37 -13.25
N GLY B 152 -36.01 1.70 -12.39
CA GLY B 152 -37.38 1.92 -12.84
C GLY B 152 -38.12 0.62 -13.07
N ASP B 153 -39.31 0.74 -13.65
CA ASP B 153 -40.15 -0.43 -13.92
C ASP B 153 -40.73 -0.40 -15.33
N GLY B 154 -39.86 -0.23 -16.32
CA GLY B 154 -40.29 -0.15 -17.70
C GLY B 154 -39.59 0.97 -18.46
N PHE B 155 -40.23 2.13 -18.47
CA PHE B 155 -39.65 3.32 -19.11
C PHE B 155 -38.93 4.19 -18.09
N VAL B 156 -37.63 4.37 -18.28
CA VAL B 156 -36.89 5.27 -17.43
C VAL B 156 -36.83 6.64 -18.08
N ASP B 157 -37.39 7.63 -17.39
CA ASP B 157 -37.21 9.03 -17.77
C ASP B 157 -36.05 9.55 -16.92
N TRP B 158 -34.92 9.86 -17.57
CA TRP B 158 -33.72 10.23 -16.83
C TRP B 158 -33.80 11.66 -16.32
N ASN B 159 -34.80 12.39 -16.79
CA ASN B 159 -34.96 13.76 -16.38
C ASN B 159 -36.01 13.90 -15.28
N LYS B 160 -36.42 12.78 -14.69
CA LYS B 160 -37.35 12.81 -13.57
C LYS B 160 -36.92 11.82 -12.48
N ALA B 161 -37.69 11.74 -11.40
CA ALA B 161 -37.34 10.88 -10.28
C ALA B 161 -37.31 9.41 -10.66
N VAL B 162 -36.11 8.82 -10.66
CA VAL B 162 -35.95 7.43 -11.05
C VAL B 162 -36.30 6.51 -9.88
N LYS B 163 -37.44 5.83 -10.00
CA LYS B 163 -37.86 4.83 -9.01
C LYS B 163 -38.74 3.74 -9.64
N PRO B 164 -38.60 2.48 -9.18
CA PRO B 164 -37.72 2.02 -8.09
C PRO B 164 -36.24 1.91 -8.44
N GLY B 165 -35.41 2.02 -7.42
CA GLY B 165 -33.98 1.79 -7.53
C GLY B 165 -33.41 1.25 -6.25
N PRO B 166 -32.14 1.59 -5.96
CA PRO B 166 -31.40 1.07 -4.81
C PRO B 166 -32.04 1.44 -3.47
N ILE B 167 -32.70 2.60 -3.44
CA ILE B 167 -33.30 3.09 -2.22
C ILE B 167 -34.45 2.21 -1.76
N GLU B 168 -35.21 1.70 -2.73
CA GLU B 168 -36.35 0.82 -2.48
C GLU B 168 -35.89 -0.62 -2.24
N LEU B 169 -34.58 -0.82 -2.32
CA LEU B 169 -34.00 -2.12 -2.00
C LEU B 169 -33.29 -2.05 -0.65
N GLY B 170 -33.64 -1.05 0.15
CA GLY B 170 -33.06 -0.90 1.48
C GLY B 170 -31.73 -0.17 1.56
N PHE B 171 -31.48 0.74 0.63
CA PHE B 171 -30.31 1.61 0.72
C PHE B 171 -30.75 3.00 1.18
N ASP B 172 -30.06 3.58 2.15
CA ASP B 172 -30.42 4.90 2.65
C ASP B 172 -29.87 5.96 1.71
N TYR B 173 -28.74 5.66 1.11
CA TYR B 173 -28.10 6.59 0.21
C TYR B 173 -27.48 5.83 -0.96
N SER B 174 -27.58 6.40 -2.15
CA SER B 174 -26.96 5.79 -3.31
C SER B 174 -26.35 6.85 -4.23
N PHE B 175 -25.20 6.51 -4.81
CA PHE B 175 -24.55 7.32 -5.82
C PHE B 175 -24.00 6.36 -6.85
N LEU B 176 -24.54 6.41 -8.07
CA LEU B 176 -24.37 5.28 -8.99
C LEU B 176 -23.98 5.62 -10.43
N ILE B 177 -23.17 4.72 -11.00
CA ILE B 177 -23.14 4.43 -12.44
C ILE B 177 -24.27 3.43 -12.77
N PRO B 178 -25.27 3.87 -13.53
CA PRO B 178 -26.48 3.04 -13.75
C PRO B 178 -26.24 1.62 -14.28
N ALA B 179 -25.18 1.39 -15.05
CA ALA B 179 -24.98 0.08 -15.67
C ALA B 179 -23.53 -0.39 -15.60
N THR B 180 -22.80 -0.18 -16.70
CA THR B 180 -21.37 -0.39 -16.75
C THR B 180 -20.75 0.87 -17.35
N ALA B 181 -19.44 1.02 -17.20
CA ALA B 181 -18.75 2.19 -17.72
C ALA B 181 -18.76 2.24 -19.24
N ASP B 182 -18.96 1.08 -19.89
CA ASP B 182 -19.01 1.08 -21.35
C ASP B 182 -20.44 1.14 -21.86
N ARG B 183 -21.37 1.51 -20.99
CA ARG B 183 -22.78 1.55 -21.33
C ARG B 183 -23.44 2.88 -21.02
N VAL B 184 -24.14 3.44 -22.00
CA VAL B 184 -24.91 4.65 -21.78
C VAL B 184 -26.09 4.32 -20.87
N PRO B 185 -26.56 5.29 -20.08
CA PRO B 185 -26.11 6.68 -19.97
C PRO B 185 -24.83 6.88 -19.12
N THR B 186 -23.90 7.63 -19.67
CA THR B 186 -22.70 7.98 -18.94
C THR B 186 -22.93 9.17 -17.99
N VAL B 187 -23.83 8.96 -17.01
CA VAL B 187 -24.09 9.95 -15.97
C VAL B 187 -24.09 9.28 -14.60
N PHE B 188 -24.21 10.08 -13.54
CA PHE B 188 -24.31 9.59 -12.17
C PHE B 188 -25.75 9.66 -11.65
N LEU B 189 -26.21 8.62 -10.96
CA LEU B 189 -27.53 8.67 -10.36
C LEU B 189 -27.38 8.76 -8.84
N GLU B 190 -27.71 9.93 -8.28
CA GLU B 190 -27.63 10.13 -6.82
C GLU B 190 -29.02 10.01 -6.22
N ASN B 191 -29.20 8.99 -5.40
CA ASN B 191 -30.52 8.61 -4.89
C ASN B 191 -31.48 8.45 -6.06
N HIS B 192 -32.47 9.32 -6.19
CA HIS B 192 -33.48 9.16 -7.24
C HIS B 192 -33.26 10.04 -8.47
N HIS B 193 -32.19 10.83 -8.47
CA HIS B 193 -31.99 11.84 -9.51
C HIS B 193 -30.58 11.86 -10.10
N VAL B 194 -30.51 12.22 -11.38
CA VAL B 194 -29.25 12.39 -12.10
C VAL B 194 -28.47 13.59 -11.56
N VAL B 195 -27.16 13.39 -11.36
CA VAL B 195 -26.30 14.45 -10.86
C VAL B 195 -26.00 15.46 -11.96
N ASN B 196 -26.09 16.74 -11.62
CA ASN B 196 -25.76 17.84 -12.52
C ASN B 196 -26.54 17.79 -13.82
N LEU B 197 -27.83 17.51 -13.69
CA LEU B 197 -28.75 17.54 -14.83
C LEU B 197 -29.22 18.96 -15.10
N ASP B 198 -29.15 19.39 -16.35
CA ASP B 198 -29.79 20.64 -16.74
C ASP B 198 -31.09 20.33 -17.50
N PRO B 199 -32.24 20.66 -16.88
CA PRO B 199 -33.58 20.32 -17.39
C PRO B 199 -33.87 20.88 -18.79
N ASN B 200 -33.10 21.88 -19.21
CA ASN B 200 -33.20 22.45 -20.55
C ASN B 200 -32.59 21.52 -21.60
N ASP B 201 -31.69 20.65 -21.16
CA ASP B 201 -30.95 19.78 -22.06
C ASP B 201 -31.18 18.31 -21.66
N PRO B 202 -32.36 17.78 -21.97
CA PRO B 202 -32.83 16.53 -21.37
C PRO B 202 -32.14 15.27 -21.95
N ILE B 203 -31.94 14.27 -21.09
CA ILE B 203 -31.29 13.05 -21.54
C ILE B 203 -32.29 12.05 -22.11
N THR B 204 -31.97 11.49 -23.28
CA THR B 204 -32.68 10.32 -23.78
C THR B 204 -31.63 9.25 -24.12
N VAL B 205 -32.02 7.98 -23.98
CA VAL B 205 -31.13 6.84 -24.20
C VAL B 205 -31.81 5.76 -25.03
N SER B 206 -31.08 5.21 -26.01
CA SER B 206 -31.56 4.12 -26.85
C SER B 206 -30.49 3.09 -27.07
N TYR B 207 -30.87 1.82 -27.14
CA TYR B 207 -29.91 0.79 -27.51
C TYR B 207 -30.22 0.21 -28.88
N GLU B 208 -31.29 0.72 -29.49
CA GLU B 208 -31.75 0.21 -30.78
C GLU B 208 -31.30 1.12 -31.91
N LYS B 209 -31.38 2.42 -31.70
CA LYS B 209 -31.10 3.37 -32.76
C LYS B 209 -30.27 4.54 -32.28
N ARG B 210 -29.50 5.10 -33.21
CA ARG B 210 -28.74 6.31 -32.96
C ARG B 210 -29.67 7.50 -32.66
N ILE B 211 -29.48 8.13 -31.49
CA ILE B 211 -30.16 9.39 -31.20
C ILE B 211 -29.15 10.45 -30.80
N GLY B 212 -29.51 11.72 -31.02
CA GLY B 212 -28.72 12.84 -30.53
C GLY B 212 -27.69 13.42 -31.48
N ASN B 213 -26.93 14.39 -30.98
CA ASN B 213 -25.96 15.07 -31.84
C ASN B 213 -24.52 14.67 -31.58
N ARG B 214 -24.26 13.94 -30.49
CA ARG B 214 -22.90 13.49 -30.18
C ARG B 214 -22.31 12.63 -31.30
N PRO B 215 -20.99 12.76 -31.54
CA PRO B 215 -20.37 11.95 -32.60
C PRO B 215 -20.27 10.49 -32.18
N VAL B 216 -20.22 9.59 -33.16
CA VAL B 216 -20.04 8.17 -32.84
C VAL B 216 -18.67 7.71 -33.28
N GLY B 217 -18.17 6.66 -32.63
CA GLY B 217 -16.83 6.15 -32.86
C GLY B 217 -16.60 5.61 -34.26
N THR B 218 -17.68 5.27 -34.94
CA THR B 218 -17.62 4.68 -36.26
C THR B 218 -17.32 5.73 -37.32
N GLU B 219 -17.79 6.94 -37.06
CA GLU B 219 -17.50 8.08 -37.93
C GLU B 219 -16.22 8.82 -37.58
N HIS B 220 -15.88 8.85 -36.29
CA HIS B 220 -14.80 9.72 -35.81
C HIS B 220 -13.75 9.03 -34.97
N PRO B 221 -12.97 8.11 -35.59
CA PRO B 221 -11.89 7.48 -34.84
C PRO B 221 -10.85 8.47 -34.35
N GLU B 222 -10.64 9.58 -35.07
CA GLU B 222 -9.71 10.63 -34.65
C GLU B 222 -10.02 11.28 -33.29
N LEU B 223 -11.27 11.14 -32.83
CA LEU B 223 -11.72 11.71 -31.57
C LEU B 223 -11.54 10.75 -30.39
N LEU B 224 -11.03 9.56 -30.65
CA LEU B 224 -10.98 8.54 -29.60
C LEU B 224 -9.61 8.39 -28.93
N LYS B 225 -9.66 8.12 -27.63
CA LYS B 225 -8.50 7.80 -26.83
C LYS B 225 -8.02 6.37 -27.08
N MET B 226 -8.93 5.53 -27.56
CA MET B 226 -8.63 4.14 -27.93
C MET B 226 -9.72 3.60 -28.83
N SER B 227 -9.34 2.64 -29.68
CA SER B 227 -10.25 2.05 -30.66
C SER B 227 -11.07 0.92 -30.03
N ALA B 228 -12.24 0.65 -30.60
CA ALA B 228 -13.14 -0.33 -30.00
C ALA B 228 -13.71 -1.26 -31.04
N ASP B 229 -14.33 -2.35 -30.62
CA ASP B 229 -15.05 -3.17 -31.60
C ASP B 229 -16.35 -2.44 -31.92
N LEU B 230 -17.13 -2.97 -32.87
CA LEU B 230 -18.33 -2.26 -33.33
C LEU B 230 -19.43 -2.18 -32.27
N GLN B 231 -19.51 -3.14 -31.36
CA GLN B 231 -20.46 -3.05 -30.25
C GLN B 231 -20.21 -1.79 -29.43
N HIS B 232 -18.94 -1.49 -29.22
CA HIS B 232 -18.54 -0.40 -28.33
C HIS B 232 -18.31 0.92 -29.08
N SER B 233 -18.72 0.98 -30.34
CA SER B 233 -18.38 2.13 -31.18
C SER B 233 -19.54 3.07 -31.40
N ASN B 234 -20.44 3.17 -30.42
CA ASN B 234 -21.58 4.06 -30.55
C ASN B 234 -21.25 5.46 -30.03
N THR B 235 -22.03 5.98 -29.09
CA THR B 235 -21.81 7.34 -28.61
C THR B 235 -20.46 7.54 -27.93
N ILE B 236 -19.78 8.64 -28.30
CA ILE B 236 -18.51 9.05 -27.69
C ILE B 236 -18.73 10.02 -26.55
N VAL B 237 -18.18 9.68 -25.38
CA VAL B 237 -18.19 10.56 -24.22
C VAL B 237 -16.81 10.59 -23.60
N ASP B 238 -16.26 11.78 -23.38
CA ASP B 238 -14.93 11.92 -22.78
C ASP B 238 -13.88 11.17 -23.63
N GLY B 239 -14.05 11.24 -24.96
CA GLY B 239 -13.10 10.66 -25.88
C GLY B 239 -13.06 9.14 -25.88
N VAL B 240 -14.13 8.53 -25.39
CA VAL B 240 -14.27 7.08 -25.46
C VAL B 240 -15.68 6.70 -25.92
N SER B 241 -15.78 5.84 -26.93
CA SER B 241 -17.07 5.46 -27.47
C SER B 241 -17.70 4.38 -26.60
N ARG B 242 -19.03 4.41 -26.54
CA ARG B 242 -19.79 3.53 -25.67
C ARG B 242 -20.65 2.52 -26.43
N ILE B 243 -21.28 1.64 -25.67
CA ILE B 243 -22.37 0.81 -26.15
C ILE B 243 -23.68 1.61 -26.05
N GLY B 244 -24.35 1.81 -27.18
CA GLY B 244 -25.60 2.56 -27.21
C GLY B 244 -25.41 4.05 -27.32
N TRP B 245 -26.50 4.77 -27.50
CA TRP B 245 -26.44 6.20 -27.78
C TRP B 245 -27.12 7.09 -26.74
N MET B 246 -26.49 8.22 -26.43
CA MET B 246 -27.08 9.17 -25.50
C MET B 246 -27.20 10.57 -26.08
N ALA B 247 -28.42 11.11 -26.03
CA ALA B 247 -28.71 12.47 -26.44
C ALA B 247 -28.94 13.35 -25.20
N GLY B 248 -28.50 14.61 -25.26
CA GLY B 248 -28.78 15.54 -24.18
C GLY B 248 -27.91 15.31 -22.94
N GLY B 249 -28.12 16.16 -21.93
CA GLY B 249 -27.38 16.06 -20.68
C GLY B 249 -25.89 16.31 -20.70
N LYS B 250 -25.45 17.45 -21.22
CA LYS B 250 -24.02 17.79 -21.29
C LYS B 250 -23.37 18.00 -19.92
N SER B 251 -24.07 18.71 -19.03
CA SER B 251 -23.58 19.00 -17.69
C SER B 251 -23.46 17.77 -16.79
N ALA B 252 -24.21 16.72 -17.12
CA ALA B 252 -24.23 15.50 -16.33
C ALA B 252 -23.10 14.55 -16.71
N GLU B 253 -22.74 14.57 -18.00
CA GLU B 253 -21.60 13.83 -18.55
C GLU B 253 -20.49 13.59 -17.55
N TRP B 254 -20.20 12.35 -17.21
CA TRP B 254 -19.06 12.20 -16.34
C TRP B 254 -17.78 12.08 -17.13
N LYS B 255 -16.70 11.93 -16.38
CA LYS B 255 -15.38 11.81 -16.91
C LYS B 255 -14.77 10.66 -16.17
N ASP B 256 -14.40 9.61 -16.90
CA ASP B 256 -13.84 8.38 -16.33
C ASP B 256 -12.64 8.65 -15.45
N GLU B 257 -11.82 9.63 -15.81
CA GLU B 257 -10.52 9.79 -15.17
C GLU B 257 -10.67 10.31 -13.74
N GLU B 258 -11.81 10.92 -13.46
CA GLU B 258 -12.08 11.48 -12.14
C GLU B 258 -12.80 10.53 -11.22
N PHE B 259 -13.23 9.39 -11.76
CA PHE B 259 -13.94 8.35 -10.99
C PHE B 259 -13.33 8.02 -9.64
N PRO B 260 -11.99 7.85 -9.55
CA PRO B 260 -11.49 7.56 -8.21
C PRO B 260 -11.83 8.66 -7.19
N HIS B 261 -11.51 9.92 -7.48
CA HIS B 261 -11.79 11.00 -6.54
CA HIS B 261 -11.78 10.99 -6.55
C HIS B 261 -13.28 11.07 -6.22
N ILE B 262 -14.11 11.12 -7.25
CA ILE B 262 -15.56 11.29 -7.08
C ILE B 262 -16.18 10.23 -6.16
N PHE B 263 -15.82 8.97 -6.38
CA PHE B 263 -16.43 7.85 -5.67
C PHE B 263 -15.79 7.54 -4.31
N THR B 264 -14.49 7.74 -4.17
CA THR B 264 -13.90 7.62 -2.84
C THR B 264 -14.37 8.78 -1.96
N LYS B 265 -14.66 9.92 -2.58
CA LYS B 265 -15.16 11.07 -1.84
C LYS B 265 -16.60 10.87 -1.35
N LYS B 266 -17.42 10.15 -2.12
CA LYS B 266 -18.81 9.89 -1.71
C LYS B 266 -18.89 8.77 -0.68
N ALA B 267 -17.96 7.82 -0.76
CA ALA B 267 -17.87 6.77 0.24
C ALA B 267 -17.45 7.32 1.60
N ILE B 268 -16.41 8.15 1.61
CA ILE B 268 -15.83 8.73 2.81
C ILE B 268 -16.82 9.69 3.49
N ASP B 269 -17.49 10.52 2.71
CA ASP B 269 -18.56 11.34 3.25
C ASP B 269 -19.71 10.49 3.84
N PHE B 270 -20.04 9.37 3.19
CA PHE B 270 -21.09 8.48 3.69
C PHE B 270 -20.72 7.93 5.05
N ILE B 271 -19.47 7.52 5.17
CA ILE B 271 -18.90 7.06 6.43
C ILE B 271 -18.86 8.18 7.44
N SER B 272 -18.27 9.31 7.05
CA SER B 272 -18.04 10.38 8.01
C SER B 272 -19.35 11.00 8.46
N ASP B 273 -20.41 10.75 7.71
CA ASP B 273 -21.72 11.20 8.15
C ASP B 273 -22.31 10.19 9.12
N ASN B 274 -22.03 8.91 8.92
CA ASN B 274 -22.61 7.88 9.78
C ASN B 274 -21.62 7.21 10.73
N LYS B 275 -20.57 7.92 11.12
CA LYS B 275 -19.54 7.29 11.96
C LYS B 275 -20.09 6.94 13.33
N ASP B 276 -21.25 7.51 13.65
CA ASP B 276 -21.84 7.39 14.97
C ASP B 276 -22.93 6.31 15.09
N GLU B 277 -23.37 5.75 13.97
CA GLU B 277 -24.31 4.64 14.00
C GLU B 277 -23.66 3.38 13.44
N SER B 278 -24.37 2.27 13.45
CA SER B 278 -23.93 1.10 12.68
C SER B 278 -24.28 1.34 11.22
N PHE B 279 -23.33 1.14 10.32
CA PHE B 279 -23.61 1.35 8.92
C PHE B 279 -23.04 0.24 8.04
N MET B 280 -23.51 0.21 6.80
CA MET B 280 -22.98 -0.71 5.80
C MET B 280 -22.76 0.04 4.51
N LEU B 281 -21.53 -0.09 3.98
CA LEU B 281 -21.20 0.40 2.65
C LEU B 281 -21.00 -0.75 1.67
N PHE B 282 -21.84 -0.75 0.63
CA PHE B 282 -21.60 -1.56 -0.57
C PHE B 282 -20.84 -0.65 -1.52
N PHE B 283 -19.62 -1.05 -1.90
CA PHE B 283 -18.74 -0.24 -2.73
C PHE B 283 -18.36 -0.97 -4.00
N PRO B 284 -19.26 -1.00 -4.99
CA PRO B 284 -18.99 -1.66 -6.26
C PRO B 284 -18.17 -0.80 -7.25
N PHE B 285 -16.87 -1.08 -7.31
CA PHE B 285 -15.94 -0.40 -8.23
C PHE B 285 -16.37 -0.49 -9.71
N SER B 286 -16.03 0.53 -10.49
CA SER B 286 -16.09 0.36 -11.93
C SER B 286 -14.78 -0.26 -12.38
N ASP B 287 -13.72 -0.01 -11.64
CA ASP B 287 -12.47 -0.73 -11.87
C ASP B 287 -12.74 -2.19 -11.59
N ILE B 288 -12.34 -3.08 -12.50
CA ILE B 288 -11.47 -2.72 -13.62
C ILE B 288 -12.15 -2.97 -14.97
N HIS B 289 -13.45 -2.68 -15.03
CA HIS B 289 -14.25 -2.94 -16.22
C HIS B 289 -13.84 -2.05 -17.38
N VAL B 290 -14.03 -2.51 -18.61
CA VAL B 290 -13.78 -1.65 -19.78
C VAL B 290 -14.82 -0.55 -19.84
N PRO B 291 -14.44 0.64 -20.36
CA PRO B 291 -13.08 1.05 -20.75
C PRO B 291 -12.15 1.28 -19.54
N ARG B 292 -10.89 0.89 -19.66
CA ARG B 292 -9.90 1.25 -18.64
C ARG B 292 -9.30 2.60 -18.98
N VAL B 293 -9.77 3.61 -18.26
CA VAL B 293 -9.30 4.98 -18.40
C VAL B 293 -8.73 5.51 -17.08
N PRO B 294 -7.61 4.92 -16.61
CA PRO B 294 -7.09 5.28 -15.28
C PRO B 294 -6.68 6.75 -15.14
N ASN B 295 -6.88 7.28 -13.93
CA ASN B 295 -6.43 8.62 -13.57
C ASN B 295 -4.95 8.71 -13.87
N LYS B 296 -4.49 9.91 -14.18
CA LYS B 296 -3.07 10.11 -14.49
C LYS B 296 -2.15 9.59 -13.37
N MET B 297 -2.65 9.57 -12.13
CA MET B 297 -1.91 9.04 -10.98
C MET B 297 -1.38 7.63 -11.21
N PHE B 298 -2.06 6.88 -12.09
CA PHE B 298 -1.75 5.47 -12.32
C PHE B 298 -1.45 5.13 -13.78
N ALA B 299 -1.82 6.01 -14.70
CA ALA B 299 -1.54 5.79 -16.11
C ALA B 299 -0.08 5.42 -16.36
N GLY B 300 0.13 4.27 -16.98
CA GLY B 300 1.47 3.86 -17.37
C GLY B 300 2.32 3.30 -16.25
N LYS B 301 1.77 3.25 -15.04
CA LYS B 301 2.54 2.88 -13.88
C LYS B 301 2.62 1.37 -13.64
N SER B 302 1.70 0.59 -14.19
CA SER B 302 1.71 -0.84 -13.89
C SER B 302 2.65 -1.65 -14.77
N GLY B 303 2.88 -1.17 -15.99
CA GLY B 303 3.60 -1.95 -16.98
C GLY B 303 2.70 -2.74 -17.92
N MET B 304 1.51 -3.11 -17.44
CA MET B 304 0.57 -3.91 -18.23
C MET B 304 -0.45 -3.06 -18.98
N GLY B 305 -0.21 -1.76 -19.08
CA GLY B 305 -1.18 -0.89 -19.75
C GLY B 305 -2.37 -0.58 -18.88
N PRO B 306 -3.41 0.04 -19.48
CA PRO B 306 -4.66 0.44 -18.82
C PRO B 306 -5.28 -0.62 -17.91
N ARG B 307 -5.20 -1.90 -18.27
CA ARG B 307 -5.81 -2.94 -17.47
C ARG B 307 -5.13 -3.08 -16.11
N GLY B 308 -3.81 -3.18 -16.12
CA GLY B 308 -3.04 -3.21 -14.88
C GLY B 308 -3.13 -1.86 -14.19
N ASP B 309 -3.11 -0.78 -14.96
CA ASP B 309 -3.24 0.56 -14.39
C ASP B 309 -4.57 0.70 -13.62
N ALA B 310 -5.62 0.05 -14.10
CA ALA B 310 -6.91 0.09 -13.42
C ALA B 310 -6.87 -0.71 -12.11
N ILE B 311 -5.99 -1.71 -12.07
CA ILE B 311 -5.78 -2.49 -10.85
C ILE B 311 -5.11 -1.62 -9.77
N LEU B 312 -4.15 -0.80 -10.18
CA LEU B 312 -3.49 0.13 -9.24
C LEU B 312 -4.47 1.18 -8.71
N GLN B 313 -5.40 1.60 -9.56
CA GLN B 313 -6.41 2.56 -9.20
C GLN B 313 -7.39 1.93 -8.22
N MET B 314 -7.73 0.68 -8.48
CA MET B 314 -8.57 -0.08 -7.57
C MET B 314 -7.97 -0.05 -6.18
N ASP B 315 -6.66 -0.34 -6.10
CA ASP B 315 -5.98 -0.51 -4.81
C ASP B 315 -5.85 0.82 -4.04
N TRP B 316 -5.51 1.88 -4.77
CA TRP B 316 -5.44 3.22 -4.21
C TRP B 316 -6.77 3.65 -3.61
N MET B 317 -7.86 3.37 -4.32
CA MET B 317 -9.20 3.73 -3.85
C MET B 317 -9.55 2.94 -2.59
N SER B 318 -9.16 1.67 -2.54
CA SER B 318 -9.38 0.84 -1.36
C SER B 318 -8.68 1.42 -0.13
N GLY B 319 -7.41 1.79 -0.28
CA GLY B 319 -6.64 2.38 0.79
C GLY B 319 -7.18 3.71 1.26
N GLN B 320 -7.78 4.46 0.35
CA GLN B 320 -8.35 5.75 0.72
C GLN B 320 -9.43 5.54 1.76
N ILE B 321 -10.26 4.53 1.53
CA ILE B 321 -11.38 4.24 2.42
C ILE B 321 -10.93 3.46 3.65
N ILE B 322 -10.01 2.51 3.44
CA ILE B 322 -9.41 1.79 4.55
C ILE B 322 -8.75 2.72 5.54
N ASP B 323 -7.98 3.67 5.01
CA ASP B 323 -7.28 4.62 5.85
C ASP B 323 -8.27 5.55 6.54
N GLU B 324 -9.40 5.83 5.89
CA GLU B 324 -10.40 6.65 6.55
C GLU B 324 -10.98 5.96 7.77
N LEU B 325 -11.40 4.71 7.61
CA LEU B 325 -11.95 3.96 8.73
C LEU B 325 -10.98 3.94 9.90
N LYS B 326 -9.70 3.79 9.59
CA LYS B 326 -8.67 3.68 10.61
C LYS B 326 -8.45 5.01 11.34
N LYS B 327 -8.48 6.09 10.57
CA LYS B 327 -8.33 7.43 11.11
C LYS B 327 -9.50 7.79 11.99
N GLN B 328 -10.71 7.36 11.62
CA GLN B 328 -11.88 7.82 12.40
C GLN B 328 -12.06 6.91 13.59
N GLY B 329 -11.29 5.83 13.63
CA GLY B 329 -11.35 4.87 14.71
C GLY B 329 -12.33 3.74 14.50
N LEU B 330 -12.76 3.50 13.26
CA LEU B 330 -13.86 2.57 12.97
C LEU B 330 -13.42 1.17 12.59
N TYR B 331 -12.16 1.05 12.22
CA TYR B 331 -11.65 -0.14 11.57
C TYR B 331 -11.86 -1.42 12.40
N ASP B 332 -11.60 -1.36 13.69
CA ASP B 332 -11.62 -2.55 14.52
C ASP B 332 -13.01 -3.16 14.68
N ASN B 333 -14.06 -2.35 14.73
CA ASN B 333 -15.43 -2.89 14.75
C ASN B 333 -16.08 -2.82 13.38
N THR B 334 -15.28 -2.93 12.33
CA THR B 334 -15.79 -3.01 10.96
C THR B 334 -15.39 -4.33 10.31
N LEU B 335 -16.35 -5.00 9.71
CA LEU B 335 -16.06 -6.17 8.90
C LEU B 335 -15.96 -5.72 7.45
N ILE B 336 -14.82 -6.03 6.86
CA ILE B 336 -14.57 -5.71 5.47
C ILE B 336 -14.57 -6.98 4.67
N ILE B 337 -15.37 -6.97 3.61
CA ILE B 337 -15.34 -8.06 2.64
C ILE B 337 -14.81 -7.54 1.32
N PHE B 338 -13.70 -8.11 0.86
CA PHE B 338 -13.15 -7.72 -0.44
C PHE B 338 -13.26 -8.88 -1.43
N SER B 339 -13.95 -8.67 -2.55
CA SER B 339 -14.05 -9.67 -3.60
C SER B 339 -14.41 -9.04 -4.97
N SER B 340 -14.89 -9.87 -5.90
CA SER B 340 -15.01 -9.51 -7.31
C SER B 340 -16.34 -10.02 -7.88
N ASP B 341 -16.89 -9.37 -8.91
CA ASP B 341 -18.20 -9.80 -9.39
C ASP B 341 -18.10 -10.97 -10.37
N ASN B 342 -16.94 -11.14 -10.99
CA ASN B 342 -16.68 -12.27 -11.88
C ASN B 342 -15.22 -12.36 -12.27
N GLY B 343 -14.86 -13.43 -12.97
CA GLY B 343 -13.49 -13.64 -13.43
C GLY B 343 -12.96 -12.62 -14.44
N PRO B 344 -11.71 -12.83 -14.88
CA PRO B 344 -10.95 -11.83 -15.61
C PRO B 344 -11.11 -11.88 -17.13
N VAL B 345 -10.97 -10.72 -17.77
CA VAL B 345 -10.93 -10.65 -19.22
C VAL B 345 -9.76 -9.75 -19.61
N MET B 346 -9.04 -10.07 -20.68
CA MET B 346 -8.04 -9.15 -21.21
C MET B 346 -8.77 -8.18 -22.12
N ASP B 347 -8.80 -8.49 -23.41
CA ASP B 347 -9.58 -7.68 -24.34
C ASP B 347 -11.08 -7.90 -24.13
N ASP B 348 -11.77 -6.84 -23.73
CA ASP B 348 -13.22 -6.90 -23.56
C ASP B 348 -14.01 -5.89 -24.42
N GLY B 349 -13.34 -5.19 -25.32
CA GLY B 349 -14.08 -4.31 -26.21
C GLY B 349 -13.28 -3.17 -26.79
N TYR B 350 -12.19 -2.81 -26.14
CA TYR B 350 -11.38 -1.67 -26.56
C TYR B 350 -9.97 -2.08 -26.83
N ALA B 351 -9.30 -1.33 -27.70
CA ALA B 351 -7.91 -1.58 -27.97
C ALA B 351 -7.08 -0.81 -26.96
N ASP B 352 -6.70 -1.47 -25.87
CA ASP B 352 -6.02 -0.81 -24.75
C ASP B 352 -4.73 -1.53 -24.34
N GLN B 353 -4.19 -2.33 -25.25
CA GLN B 353 -2.92 -3.04 -25.06
C GLN B 353 -2.91 -4.02 -23.92
N ALA B 354 -4.08 -4.52 -23.55
CA ALA B 354 -4.21 -5.52 -22.51
C ALA B 354 -3.32 -6.74 -22.82
N GLU B 355 -3.55 -7.40 -23.95
CA GLU B 355 -2.73 -8.56 -24.28
C GLU B 355 -1.28 -8.17 -24.53
N GLU B 356 -1.06 -7.15 -25.35
CA GLU B 356 0.30 -6.75 -25.74
C GLU B 356 1.22 -6.55 -24.54
N LEU B 357 0.69 -5.90 -23.52
CA LEU B 357 1.49 -5.53 -22.36
C LEU B 357 1.32 -6.47 -21.19
N ARG B 358 0.75 -7.64 -21.45
CA ARG B 358 0.47 -8.64 -20.43
C ARG B 358 1.73 -9.15 -19.76
N GLY B 359 2.74 -9.39 -20.58
CA GLY B 359 3.92 -10.11 -20.13
C GLY B 359 3.55 -11.54 -19.79
N ASP B 360 3.98 -11.99 -18.63
CA ASP B 360 3.67 -13.35 -18.17
C ASP B 360 2.61 -13.37 -17.07
N HIS B 361 1.86 -12.29 -16.98
CA HIS B 361 0.81 -12.23 -15.98
C HIS B 361 -0.37 -13.14 -16.35
N ASP B 362 -0.77 -13.99 -15.43
CA ASP B 362 -1.99 -14.78 -15.64
C ASP B 362 -3.06 -14.38 -14.61
N PRO B 363 -4.12 -13.68 -15.07
CA PRO B 363 -5.15 -13.21 -14.15
C PRO B 363 -5.99 -14.34 -13.55
N ALA B 364 -6.04 -15.48 -14.23
CA ALA B 364 -6.75 -16.64 -13.69
C ALA B 364 -5.85 -17.54 -12.83
N ALA B 365 -4.58 -17.15 -12.70
CA ALA B 365 -3.59 -17.87 -11.88
C ALA B 365 -3.52 -19.36 -12.15
N GLY B 366 -3.52 -19.74 -13.41
CA GLY B 366 -3.47 -21.15 -13.75
C GLY B 366 -4.81 -21.86 -13.82
N TYR B 367 -5.89 -21.22 -13.36
CA TYR B 367 -7.24 -21.80 -13.45
C TYR B 367 -7.71 -21.68 -14.89
N ARG B 368 -8.64 -22.55 -15.28
CA ARG B 368 -9.15 -22.55 -16.63
C ARG B 368 -10.29 -21.55 -16.70
N GLY B 369 -10.56 -21.05 -17.91
CA GLY B 369 -11.66 -20.14 -18.16
C GLY B 369 -11.40 -18.70 -17.75
N GLY B 370 -12.47 -18.05 -17.30
CA GLY B 370 -12.44 -16.69 -16.79
C GLY B 370 -13.82 -16.06 -16.96
N LYS B 371 -13.89 -14.75 -17.14
CA LYS B 371 -15.16 -14.03 -17.34
C LYS B 371 -16.05 -14.77 -18.37
N TYR B 372 -17.36 -14.83 -18.11
CA TYR B 372 -18.32 -15.59 -18.94
C TYR B 372 -18.16 -17.12 -18.91
N SER B 373 -17.04 -17.65 -18.42
CA SER B 373 -16.78 -19.09 -18.55
C SER B 373 -17.42 -19.91 -17.44
N ALA B 374 -17.71 -21.16 -17.77
CA ALA B 374 -18.16 -22.13 -16.80
C ALA B 374 -16.97 -22.80 -16.10
N TYR B 375 -15.77 -22.58 -16.60
CA TYR B 375 -14.57 -23.12 -15.92
C TYR B 375 -14.31 -22.32 -14.64
N GLU B 376 -13.40 -22.82 -13.82
CA GLU B 376 -13.26 -22.30 -12.45
C GLU B 376 -13.00 -20.81 -12.34
N ALA B 377 -12.12 -20.27 -13.18
CA ALA B 377 -11.73 -18.86 -13.09
C ALA B 377 -12.87 -17.92 -13.49
N GLY B 378 -14.00 -18.50 -13.89
CA GLY B 378 -15.21 -17.74 -14.14
C GLY B 378 -15.83 -17.19 -12.87
N THR B 379 -15.68 -17.93 -11.77
CA THR B 379 -16.27 -17.50 -10.51
C THR B 379 -15.27 -17.51 -9.37
N ARG B 380 -14.26 -18.36 -9.45
CA ARG B 380 -13.29 -18.37 -8.39
C ARG B 380 -12.46 -17.10 -8.45
N VAL B 381 -12.81 -16.17 -7.57
CA VAL B 381 -12.23 -14.83 -7.48
C VAL B 381 -11.57 -14.64 -6.10
N PRO B 382 -10.65 -13.64 -5.97
CA PRO B 382 -10.09 -13.42 -4.64
C PRO B 382 -11.17 -13.02 -3.65
N MET B 383 -11.07 -13.49 -2.41
CA MET B 383 -11.90 -12.94 -1.35
C MET B 383 -11.11 -12.86 -0.06
N ILE B 384 -11.29 -11.74 0.62
CA ILE B 384 -10.53 -11.41 1.81
C ILE B 384 -11.52 -10.77 2.78
N ILE B 385 -11.32 -11.04 4.07
CA ILE B 385 -12.20 -10.50 5.10
C ILE B 385 -11.32 -10.14 6.29
N THR B 386 -11.50 -8.92 6.80
CA THR B 386 -10.94 -8.54 8.10
C THR B 386 -12.05 -8.04 9.02
N TYR B 387 -11.76 -8.10 10.31
CA TYR B 387 -12.72 -7.73 11.34
C TYR B 387 -11.98 -7.91 12.66
N PRO B 388 -11.10 -6.95 13.00
CA PRO B 388 -10.21 -7.08 14.15
C PRO B 388 -10.91 -7.54 15.40
N LYS B 389 -12.13 -7.06 15.65
CA LYS B 389 -12.87 -7.45 16.84
C LYS B 389 -13.58 -8.82 16.75
N GLY B 390 -13.45 -9.52 15.61
CA GLY B 390 -14.18 -10.76 15.41
C GLY B 390 -13.43 -11.96 14.86
N ILE B 391 -12.35 -11.74 14.11
CA ILE B 391 -11.65 -12.84 13.44
C ILE B 391 -10.97 -13.77 14.44
N LYS B 392 -11.50 -14.99 14.55
CA LYS B 392 -10.92 -15.97 15.46
C LYS B 392 -9.49 -16.26 15.03
N ASN B 393 -9.37 -16.86 13.84
CA ASN B 393 -8.07 -17.21 13.29
C ASN B 393 -7.84 -16.54 11.95
N ASN B 394 -6.67 -15.94 11.78
CA ASN B 394 -6.32 -15.37 10.49
C ASN B 394 -5.49 -16.38 9.70
N GLY B 395 -5.24 -16.04 8.43
CA GLY B 395 -4.43 -16.89 7.57
C GLY B 395 -5.10 -17.14 6.22
N ASP B 396 -4.71 -18.23 5.58
CA ASP B 396 -5.31 -18.59 4.29
C ASP B 396 -6.40 -19.61 4.58
N SER B 397 -7.43 -19.61 3.75
CA SER B 397 -8.60 -20.47 3.93
C SER B 397 -9.08 -21.11 2.64
N ASN B 398 -9.12 -22.44 2.60
CA ASN B 398 -9.69 -23.12 1.42
C ASN B 398 -11.15 -23.55 1.62
N ALA B 399 -11.88 -22.77 2.42
CA ALA B 399 -13.29 -23.05 2.64
C ALA B 399 -14.03 -22.85 1.34
N LEU B 400 -14.85 -23.83 0.96
CA LEU B 400 -15.66 -23.68 -0.23
C LEU B 400 -16.80 -22.74 0.09
N VAL B 401 -16.77 -21.53 -0.45
CA VAL B 401 -17.78 -20.55 -0.09
C VAL B 401 -18.18 -19.71 -1.29
N SER B 402 -19.39 -19.13 -1.21
CA SER B 402 -19.92 -18.31 -2.27
C SER B 402 -20.43 -16.96 -1.77
N GLN B 403 -20.47 -15.99 -2.68
CA GLN B 403 -20.97 -14.66 -2.35
C GLN B 403 -22.47 -14.66 -2.05
N ILE B 404 -23.15 -15.73 -2.45
CA ILE B 404 -24.56 -15.88 -2.13
C ILE B 404 -24.76 -16.14 -0.63
N ASP B 405 -23.71 -16.62 0.02
CA ASP B 405 -23.72 -16.90 1.46
C ASP B 405 -23.49 -15.67 2.34
N ILE B 406 -23.15 -14.54 1.72
CA ILE B 406 -22.88 -13.31 2.45
C ILE B 406 -24.18 -12.76 3.07
N TYR B 407 -25.31 -13.03 2.43
CA TYR B 407 -26.60 -12.61 2.94
C TYR B 407 -26.83 -13.22 4.32
N LYS B 408 -26.84 -14.55 4.41
CA LYS B 408 -27.20 -15.23 5.65
C LYS B 408 -26.12 -15.15 6.73
N SER B 409 -24.88 -14.97 6.30
CA SER B 409 -23.77 -14.78 7.24
C SER B 409 -23.94 -13.45 7.97
N LEU B 410 -24.16 -12.39 7.21
CA LEU B 410 -24.39 -11.08 7.77
C LEU B 410 -25.67 -11.03 8.62
N ALA B 411 -26.64 -11.88 8.31
CA ALA B 411 -27.87 -11.85 9.07
C ALA B 411 -27.66 -12.54 10.42
N GLU B 412 -26.72 -13.45 10.48
CA GLU B 412 -26.37 -13.99 11.79
C GLU B 412 -25.64 -12.89 12.57
N LEU B 413 -24.64 -12.31 11.92
CA LEU B 413 -23.81 -11.27 12.49
C LEU B 413 -24.62 -10.08 12.99
N ALA B 414 -25.68 -9.76 12.28
CA ALA B 414 -26.53 -8.66 12.70
C ALA B 414 -27.70 -9.17 13.52
N GLY B 415 -27.76 -10.49 13.71
CA GLY B 415 -28.76 -11.09 14.57
C GLY B 415 -30.20 -10.98 14.10
N VAL B 416 -30.41 -11.06 12.78
CA VAL B 416 -31.76 -10.99 12.23
C VAL B 416 -32.20 -12.34 11.70
N LYS B 417 -33.31 -12.87 12.21
CA LYS B 417 -33.88 -14.08 11.64
C LYS B 417 -34.57 -13.77 10.31
N LEU B 418 -34.42 -14.67 9.36
CA LEU B 418 -34.95 -14.50 8.02
C LEU B 418 -36.14 -15.42 7.81
N ASP B 419 -37.11 -14.97 6.99
CA ASP B 419 -38.27 -15.79 6.66
C ASP B 419 -37.88 -17.13 6.08
N ASN B 420 -38.85 -18.04 6.02
CA ASN B 420 -38.59 -19.35 5.46
C ASN B 420 -38.18 -19.16 4.02
N SER B 421 -38.72 -18.11 3.40
CA SER B 421 -38.52 -17.84 1.98
C SER B 421 -37.54 -16.68 1.67
N GLU B 422 -36.74 -16.27 2.65
CA GLU B 422 -35.76 -15.21 2.38
C GLU B 422 -34.38 -15.79 2.15
N ALA B 423 -33.65 -15.18 1.20
CA ALA B 423 -32.31 -15.63 0.79
C ALA B 423 -32.23 -17.15 0.65
N ILE B 424 -33.18 -17.74 -0.07
CA ILE B 424 -33.40 -19.18 0.04
C ILE B 424 -32.23 -20.06 -0.37
N ASP B 425 -31.35 -19.53 -1.22
CA ASP B 425 -30.20 -20.27 -1.73
C ASP B 425 -28.94 -19.95 -0.91
N SER B 426 -29.05 -18.93 -0.07
CA SER B 426 -27.98 -18.52 0.83
C SER B 426 -27.81 -19.49 2.01
N LYS B 427 -26.57 -19.70 2.45
CA LYS B 427 -26.31 -20.47 3.66
C LYS B 427 -25.40 -19.66 4.58
N ASN B 428 -25.62 -19.76 5.89
CA ASN B 428 -24.72 -19.13 6.85
C ASN B 428 -23.29 -19.72 6.77
N MET B 429 -22.33 -18.87 6.47
CA MET B 429 -20.92 -19.29 6.40
C MET B 429 -20.04 -18.46 7.30
N LEU B 430 -20.68 -17.71 8.20
CA LEU B 430 -20.00 -16.85 9.16
C LEU B 430 -18.81 -17.53 9.85
N PRO B 431 -18.92 -18.82 10.24
CA PRO B 431 -17.70 -19.37 10.85
C PRO B 431 -16.48 -19.46 9.92
N ALA B 432 -16.69 -19.80 8.65
CA ALA B 432 -15.59 -19.92 7.71
C ALA B 432 -15.10 -18.52 7.36
N PHE B 433 -16.01 -17.57 7.41
CA PHE B 433 -15.70 -16.17 7.12
C PHE B 433 -14.81 -15.53 8.17
N LEU B 434 -14.90 -16.00 9.41
CA LEU B 434 -14.20 -15.33 10.51
C LEU B 434 -13.20 -16.24 11.18
N ASP B 435 -13.02 -17.42 10.62
CA ASP B 435 -12.07 -18.35 11.19
C ASP B 435 -11.38 -19.07 10.06
N ALA B 436 -10.08 -18.83 9.91
CA ALA B 436 -9.32 -19.35 8.79
C ALA B 436 -9.14 -20.86 8.84
N LYS B 437 -9.47 -21.48 9.97
CA LYS B 437 -9.40 -22.91 10.11
C LYS B 437 -10.74 -23.62 9.85
N GLU B 438 -11.81 -22.84 9.75
CA GLU B 438 -13.14 -23.37 9.46
C GLU B 438 -13.39 -23.70 7.98
N SER B 439 -14.16 -24.75 7.75
CA SER B 439 -14.56 -25.12 6.39
C SER B 439 -15.91 -24.48 5.99
N GLY B 440 -16.28 -24.65 4.72
CA GLY B 440 -17.50 -24.08 4.19
C GLY B 440 -18.56 -25.06 3.70
N ARG B 441 -18.76 -25.09 2.39
CA ARG B 441 -19.86 -25.81 1.76
C ARG B 441 -19.49 -27.23 1.40
N THR B 442 -20.50 -28.09 1.36
CA THR B 442 -20.31 -29.42 0.80
C THR B 442 -20.41 -29.29 -0.71
N ASP B 443 -21.44 -28.57 -1.19
CA ASP B 443 -21.46 -28.26 -2.60
CA ASP B 443 -21.69 -28.30 -2.61
C ASP B 443 -21.81 -26.80 -2.88
N MET B 444 -21.67 -26.41 -4.14
CA MET B 444 -21.81 -25.02 -4.51
C MET B 444 -22.03 -24.80 -5.99
N LEU B 445 -23.09 -24.08 -6.31
CA LEU B 445 -23.44 -23.84 -7.70
C LEU B 445 -22.53 -22.78 -8.32
N GLU B 446 -22.27 -22.91 -9.61
CA GLU B 446 -21.58 -21.88 -10.38
C GLU B 446 -22.40 -21.55 -11.62
N GLU B 447 -22.68 -20.28 -11.84
CA GLU B 447 -23.56 -19.89 -12.93
C GLU B 447 -22.82 -19.19 -14.08
N SER B 448 -23.21 -19.49 -15.32
CA SER B 448 -22.68 -18.78 -16.49
C SER B 448 -23.75 -18.87 -17.60
N PHE B 449 -23.37 -19.28 -18.80
CA PHE B 449 -24.36 -19.51 -19.86
C PHE B 449 -24.94 -20.92 -19.73
N THR B 450 -24.19 -21.80 -19.09
CA THR B 450 -24.70 -23.08 -18.61
C THR B 450 -24.64 -23.09 -17.08
N LEU B 451 -24.91 -24.24 -16.47
CA LEU B 451 -24.76 -24.38 -15.04
C LEU B 451 -23.67 -25.37 -14.76
N ALA B 452 -23.04 -25.19 -13.60
CA ALA B 452 -22.02 -26.10 -13.08
C ALA B 452 -22.25 -26.23 -11.58
N ILE B 453 -21.60 -27.20 -10.96
CA ILE B 453 -21.65 -27.34 -9.51
C ILE B 453 -20.30 -27.79 -8.99
N ARG B 454 -19.90 -27.24 -7.86
CA ARG B 454 -18.78 -27.77 -7.11
C ARG B 454 -19.31 -28.70 -6.03
N SER B 455 -18.70 -29.85 -5.88
CA SER B 455 -19.12 -30.78 -4.84
C SER B 455 -17.86 -31.31 -4.19
N GLY B 456 -17.33 -30.57 -3.23
CA GLY B 456 -16.00 -30.81 -2.75
C GLY B 456 -15.02 -30.70 -3.90
N LYS B 457 -14.14 -31.69 -4.04
CA LYS B 457 -13.13 -31.65 -5.10
C LYS B 457 -13.75 -31.74 -6.50
N TRP B 458 -14.99 -32.18 -6.57
CA TRP B 458 -15.59 -32.43 -7.86
C TRP B 458 -16.16 -31.15 -8.48
N LYS B 459 -15.93 -31.01 -9.79
CA LYS B 459 -16.55 -29.96 -10.59
C LYS B 459 -17.23 -30.59 -11.81
N TYR B 460 -18.52 -30.31 -11.98
CA TYR B 460 -19.29 -30.84 -13.09
C TYR B 460 -19.98 -29.75 -13.88
N ILE B 461 -19.79 -29.72 -15.19
CA ILE B 461 -20.48 -28.74 -16.01
C ILE B 461 -21.57 -29.39 -16.87
N ALA B 462 -22.79 -28.92 -16.68
CA ALA B 462 -23.95 -29.38 -17.42
C ALA B 462 -23.80 -29.00 -18.88
N PRO B 463 -24.03 -29.95 -19.81
CA PRO B 463 -23.87 -29.65 -21.24
C PRO B 463 -24.66 -28.42 -21.65
N PHE B 464 -24.25 -27.76 -22.73
CA PHE B 464 -24.96 -26.56 -23.20
C PHE B 464 -25.47 -26.77 -24.62
N ASN B 465 -26.79 -26.85 -24.74
CA ASN B 465 -27.48 -27.09 -26.01
C ASN B 465 -28.24 -25.87 -26.50
N GLY B 466 -27.74 -24.66 -26.19
CA GLY B 466 -28.46 -23.43 -26.48
C GLY B 466 -27.75 -22.48 -27.42
N THR B 467 -28.28 -21.26 -27.52
CA THR B 467 -27.67 -20.22 -28.36
C THR B 467 -27.03 -19.11 -27.51
N THR B 468 -26.04 -18.42 -28.07
CA THR B 468 -25.33 -17.40 -27.30
C THR B 468 -25.24 -16.06 -28.03
N PRO B 469 -25.08 -14.96 -27.28
CA PRO B 469 -24.89 -13.62 -27.85
C PRO B 469 -23.81 -13.56 -28.92
N ASP B 470 -24.08 -12.81 -29.99
CA ASP B 470 -23.07 -12.65 -31.02
C ASP B 470 -21.80 -12.05 -30.44
N TRP B 471 -21.95 -11.21 -29.42
CA TRP B 471 -20.79 -10.51 -28.86
C TRP B 471 -19.86 -11.43 -28.08
N LEU B 472 -20.37 -12.56 -27.61
CA LEU B 472 -19.51 -13.53 -26.91
C LEU B 472 -18.43 -14.05 -27.85
N ALA B 473 -18.69 -13.95 -29.15
CA ALA B 473 -17.74 -14.38 -30.17
C ALA B 473 -16.54 -13.45 -30.27
N ASN B 474 -16.66 -12.27 -29.67
CA ASN B 474 -15.57 -11.33 -29.47
C ASN B 474 -14.67 -11.76 -28.29
N LYS B 475 -15.11 -12.77 -27.55
CA LYS B 475 -14.47 -13.14 -26.30
CA LYS B 475 -14.45 -13.14 -26.31
C LYS B 475 -13.76 -14.50 -26.37
N THR B 476 -13.49 -14.99 -27.57
CA THR B 476 -12.96 -16.35 -27.68
C THR B 476 -11.51 -16.53 -27.22
N ALA B 477 -10.85 -15.44 -26.82
CA ALA B 477 -9.54 -15.56 -26.19
C ALA B 477 -9.67 -16.38 -24.91
N ILE B 478 -10.89 -16.46 -24.39
CA ILE B 478 -11.15 -17.29 -23.23
C ILE B 478 -12.11 -18.47 -23.49
N GLU B 479 -11.76 -19.64 -22.94
CA GLU B 479 -12.60 -20.81 -23.07
C GLU B 479 -13.81 -20.63 -22.18
N ASN B 480 -15.02 -20.79 -22.71
CA ASN B 480 -16.20 -20.55 -21.87
C ASN B 480 -16.83 -21.84 -21.34
N GLY B 481 -16.26 -22.99 -21.69
CA GLY B 481 -16.75 -24.25 -21.17
C GLY B 481 -18.12 -24.71 -21.64
N LEU B 482 -18.59 -24.11 -22.73
CA LEU B 482 -19.89 -24.48 -23.30
C LEU B 482 -19.69 -25.64 -24.26
N LYS B 483 -20.15 -26.81 -23.85
CA LYS B 483 -19.97 -28.01 -24.63
C LYS B 483 -21.21 -28.89 -24.56
N THR B 484 -21.50 -29.59 -25.65
CA THR B 484 -22.68 -30.43 -25.71
C THR B 484 -22.50 -31.72 -24.91
N GLU B 485 -21.27 -32.02 -24.51
CA GLU B 485 -21.05 -33.17 -23.66
C GLU B 485 -21.05 -32.72 -22.20
N PRO B 486 -21.28 -33.66 -21.27
CA PRO B 486 -21.05 -33.33 -19.85
C PRO B 486 -19.55 -33.33 -19.54
N GLN B 487 -19.16 -32.53 -18.57
CA GLN B 487 -17.76 -32.44 -18.19
C GLN B 487 -17.63 -32.70 -16.71
N LEU B 488 -16.65 -33.53 -16.37
CA LEU B 488 -16.37 -33.81 -14.98
C LEU B 488 -14.87 -33.70 -14.73
N PHE B 489 -14.51 -33.02 -13.66
CA PHE B 489 -13.13 -32.83 -13.32
C PHE B 489 -12.91 -33.11 -11.83
N ASP B 490 -11.76 -33.70 -11.49
CA ASP B 490 -11.33 -33.83 -10.12
C ASP B 490 -10.31 -32.72 -9.87
N LEU B 491 -10.75 -31.63 -9.25
CA LEU B 491 -9.89 -30.47 -9.07
C LEU B 491 -8.76 -30.77 -8.13
N SER B 492 -8.90 -31.84 -7.35
CA SER B 492 -7.83 -32.38 -6.53
C SER B 492 -6.61 -32.76 -7.38
N LYS B 493 -6.84 -33.35 -8.54
CA LYS B 493 -5.74 -33.86 -9.37
C LYS B 493 -5.53 -33.06 -10.64
N ASP B 494 -6.46 -32.17 -10.91
CA ASP B 494 -6.60 -31.54 -12.21
C ASP B 494 -7.14 -30.12 -12.04
N ARG B 495 -6.34 -29.27 -11.40
CA ARG B 495 -6.75 -27.91 -11.05
C ARG B 495 -7.23 -27.08 -12.25
N ASN B 496 -6.51 -27.22 -13.37
CA ASN B 496 -6.79 -26.48 -14.60
C ASN B 496 -7.76 -27.21 -15.61
N GLU B 497 -8.58 -28.07 -15.03
CA GLU B 497 -9.72 -28.70 -15.71
C GLU B 497 -9.42 -29.20 -17.14
N GLN B 498 -8.29 -29.90 -17.26
CA GLN B 498 -7.77 -30.34 -18.55
C GLN B 498 -8.28 -31.71 -18.93
N HIS B 499 -8.63 -32.51 -17.92
CA HIS B 499 -8.98 -33.90 -18.18
C HIS B 499 -10.43 -34.24 -17.81
N ASN B 500 -11.30 -34.21 -18.82
CA ASN B 500 -12.70 -34.55 -18.64
C ASN B 500 -12.92 -36.04 -18.38
N VAL B 501 -13.27 -36.35 -17.14
CA VAL B 501 -13.46 -37.72 -16.72
C VAL B 501 -14.94 -38.10 -16.65
N ALA B 502 -15.77 -37.42 -17.44
CA ALA B 502 -17.18 -37.77 -17.56
C ALA B 502 -17.37 -39.24 -17.90
N ASP B 503 -16.49 -39.76 -18.76
CA ASP B 503 -16.59 -41.16 -19.17
C ASP B 503 -16.26 -42.13 -18.04
N LYS B 504 -15.27 -41.78 -17.23
CA LYS B 504 -14.82 -42.69 -16.18
C LYS B 504 -15.74 -42.69 -14.98
N TYR B 505 -16.61 -41.69 -14.90
CA TYR B 505 -17.48 -41.60 -13.73
C TYR B 505 -18.94 -41.32 -14.07
N PRO B 506 -19.61 -42.29 -14.73
CA PRO B 506 -20.96 -42.11 -15.24
C PRO B 506 -22.00 -41.89 -14.14
N LYS B 507 -21.80 -42.52 -12.98
CA LYS B 507 -22.77 -42.43 -11.89
C LYS B 507 -22.70 -41.07 -11.17
N LEU B 508 -21.48 -40.59 -11.00
CA LEU B 508 -21.22 -39.30 -10.40
C LEU B 508 -21.78 -38.18 -11.27
N VAL B 509 -21.51 -38.30 -12.56
CA VAL B 509 -22.07 -37.37 -13.54
C VAL B 509 -23.61 -37.31 -13.37
N PHE B 510 -24.24 -38.48 -13.21
CA PHE B 510 -25.68 -38.54 -13.04
C PHE B 510 -26.09 -37.84 -11.74
N SER B 511 -25.32 -38.06 -10.68
CA SER B 511 -25.62 -37.51 -9.37
C SER B 511 -25.56 -35.98 -9.34
N LEU B 512 -24.61 -35.42 -10.08
CA LEU B 512 -24.38 -34.00 -10.03
C LEU B 512 -25.30 -33.26 -10.98
N GLN B 513 -25.55 -33.86 -12.14
CA GLN B 513 -26.61 -33.35 -13.00
C GLN B 513 -27.91 -33.38 -12.21
N ALA B 514 -28.17 -34.50 -11.54
CA ALA B 514 -29.38 -34.68 -10.77
C ALA B 514 -29.58 -33.55 -9.76
N LYS B 515 -28.50 -33.19 -9.07
CA LYS B 515 -28.56 -32.11 -8.09
C LYS B 515 -28.86 -30.78 -8.78
N ILE B 516 -28.23 -30.53 -9.92
CA ILE B 516 -28.51 -29.32 -10.71
C ILE B 516 -29.98 -29.29 -11.10
N ASN B 517 -30.48 -30.40 -11.60
CA ASN B 517 -31.90 -30.53 -11.92
C ASN B 517 -32.78 -30.23 -10.71
N LYS B 518 -32.50 -30.88 -9.58
CA LYS B 518 -33.25 -30.65 -8.33
C LYS B 518 -33.15 -29.20 -7.87
N ILE B 519 -32.02 -28.56 -8.15
CA ILE B 519 -31.78 -27.16 -7.75
C ILE B 519 -32.62 -26.20 -8.57
N LYS B 520 -32.71 -26.46 -9.87
CA LYS B 520 -33.62 -25.70 -10.71
C LYS B 520 -35.08 -25.85 -10.26
N ALA B 521 -35.44 -27.08 -9.86
CA ALA B 521 -36.81 -27.44 -9.54
C ALA B 521 -37.26 -27.03 -8.14
N ARG B 522 -36.42 -26.31 -7.43
CA ARG B 522 -36.75 -25.87 -6.07
C ARG B 522 -37.85 -24.81 -6.14
N LYS B 523 -39.02 -25.13 -5.62
CA LYS B 523 -40.15 -24.21 -5.66
C LYS B 523 -40.04 -23.16 -4.57
CA CA C . 21.15 10.07 6.18
C1 G6S D . 28.87 13.21 1.83
C2 G6S D . 28.57 12.66 0.45
C3 G6S D . 27.13 12.35 0.29
C4 G6S D . 26.65 11.42 1.34
C5 G6S D . 26.97 11.92 2.72
C6 G6S D . 26.62 10.82 3.68
O1 G6S D . 30.24 13.43 2.02
O2 G6S D . 28.95 13.62 -0.58
O4 G6S D . 27.26 10.13 1.22
O5 G6S D . 28.39 12.29 2.88
O6 G6S D . 25.23 10.85 3.89
S G6S D . 24.80 10.38 5.26
O7 G6S D . 23.29 10.35 5.36
O8 G6S D . 25.40 9.03 5.57
O9 G6S D . 25.19 11.36 6.32
O3 G6S D . 26.93 11.79 -1.04
CA CA E . -17.53 -7.99 -14.19
C1 G6S F . -20.42 -7.38 -23.26
C2 G6S F . -19.26 -6.50 -23.64
C3 G6S F . -18.22 -6.30 -22.58
C4 G6S F . -18.77 -6.18 -21.21
C5 G6S F . -19.82 -7.20 -20.91
C6 G6S F . -20.41 -6.92 -19.57
O1 G6S F . -21.48 -7.11 -24.14
O2 G6S F . -18.69 -7.08 -24.85
O4 G6S F . -19.31 -4.85 -21.04
O5 G6S F . -20.90 -7.18 -21.89
O6 G6S F . -19.39 -7.25 -18.68
S G6S F . -19.78 -7.37 -17.21
O7 G6S F . -20.19 -8.79 -16.90
O8 G6S F . -20.82 -6.35 -16.86
O9 G6S F . -18.56 -7.15 -16.36
O3 G6S F . -17.43 -5.10 -22.83
#